data_8ZZ0
#
_entry.id   8ZZ0
#
_cell.length_a   1.00
_cell.length_b   1.00
_cell.length_c   1.00
_cell.angle_alpha   90.00
_cell.angle_beta   90.00
_cell.angle_gamma   90.00
#
_symmetry.space_group_name_H-M   'P 1'
#
loop_
_entity.id
_entity.type
_entity.pdbx_description
1 polymer PomB
2 polymer 'Chemotaxis protein PomA'
3 water water
#
loop_
_entity_poly.entity_id
_entity_poly.type
_entity_poly.pdbx_seq_one_letter_code
_entity_poly.pdbx_strand_id
1 'polypeptide(L)'
;MDDEDNKCDCPPPGLPLWMGTFANLMSLLMCFFVLLLSFSEMDVLKFKQIAGSMKFAFGVQNQLEVKDIPKGTSIIAQEF
RPGRPEPTPIDVIMQQTMDITQQTLEFHEGESDRAGGTKRDEGKLTGGQSPATSTQNNESAEADMQQQQSKEMSQEMETL
MESIKKALEREIEQGAIEVENLGQQIVIRMREKGAFPEGSAFLQPKFRPLVRQIAELVKDVPGIVRVSGHTDNRPLDSEL
YRSNWDLSSQRAVSVAQEMEKVRGFSHQRLRVRGMADTEPLLPNDSDDNRALNRRVEISIMQGEPLYSEEVPVIQHHHHH
H
;
A,B
2 'polypeptide(L)'
;MDLATLLGLIGGFAFVIMAMVLGGSIGMFVDVTSILIVVGGSIFVVLMKFTMGQFFGATKIAGKAFMFKADEPEDLIAKI
VEMADAARKGGFLALEEMEINNTFMQKGIDLLVDGHDADVVRAALKKDIALTDERHTQGTGVFRAFGDVAPAMGMIGTLV
GLVAMLSNMDDPKAIGPAMAVALLTTLYGAILSNMVFFPIADKLSLRRDQETLNRRLIMDGVLAIQDGQNPRVIDSYLKN
YLNEGKRALEIDE
;
C,D,E,F,G
#
# COMPACT_ATOMS: atom_id res chain seq x y z
N GLY A 14 -0.54 -4.44 -0.48
CA GLY A 14 0.57 -5.19 -1.05
C GLY A 14 1.02 -6.35 -0.19
N LEU A 15 2.33 -6.39 0.10
CA LEU A 15 2.91 -7.42 0.93
C LEU A 15 3.79 -6.80 1.99
N PRO A 16 3.91 -7.44 3.15
CA PRO A 16 4.82 -6.93 4.18
C PRO A 16 6.27 -6.99 3.72
N LEU A 17 7.06 -6.00 4.16
CA LEU A 17 8.43 -5.87 3.68
C LEU A 17 9.33 -7.00 4.13
N TRP A 18 8.93 -7.74 5.18
CA TRP A 18 9.70 -8.91 5.57
C TRP A 18 9.77 -9.92 4.43
N MET A 19 8.73 -9.98 3.59
CA MET A 19 8.75 -10.89 2.45
C MET A 19 9.80 -10.45 1.44
N GLY A 20 9.94 -9.14 1.22
CA GLY A 20 10.97 -8.65 0.33
C GLY A 20 12.37 -8.91 0.86
N THR A 21 12.57 -8.69 2.17
CA THR A 21 13.86 -9.02 2.77
C THR A 21 14.15 -10.52 2.66
N PHE A 22 13.11 -11.35 2.87
CA PHE A 22 13.25 -12.78 2.68
C PHE A 22 13.69 -13.12 1.26
N ALA A 23 13.02 -12.54 0.26
CA ALA A 23 13.36 -12.85 -1.12
C ALA A 23 14.79 -12.43 -1.45
N ASN A 24 15.20 -11.24 -0.99
CA ASN A 24 16.57 -10.79 -1.22
C ASN A 24 17.57 -11.74 -0.57
N LEU A 25 17.32 -12.13 0.68
CA LEU A 25 18.25 -13.02 1.37
C LEU A 25 18.35 -14.36 0.66
N MET A 26 17.22 -14.90 0.21
CA MET A 26 17.27 -16.23 -0.41
C MET A 26 17.90 -16.15 -1.79
N SER A 27 17.77 -15.01 -2.48
CA SER A 27 18.47 -14.84 -3.75
C SER A 27 19.98 -14.76 -3.56
N LEU A 28 20.44 -14.03 -2.54
CA LEU A 28 21.87 -14.01 -2.24
C LEU A 28 22.37 -15.40 -1.84
N LEU A 29 21.57 -16.14 -1.07
CA LEU A 29 21.95 -17.52 -0.75
C LEU A 29 22.01 -18.39 -1.99
N MET A 30 21.08 -18.19 -2.92
CA MET A 30 21.14 -18.87 -4.22
C MET A 30 22.46 -18.62 -4.91
N CYS A 31 22.84 -17.34 -5.01
CA CYS A 31 24.07 -17.00 -5.71
C CYS A 31 25.28 -17.61 -5.03
N PHE A 32 25.33 -17.55 -3.69
CA PHE A 32 26.46 -18.09 -2.96
C PHE A 32 26.56 -19.60 -3.12
N PHE A 33 25.42 -20.30 -3.07
CA PHE A 33 25.44 -21.75 -3.23
C PHE A 33 25.78 -22.16 -4.65
N VAL A 34 25.34 -21.40 -5.65
CA VAL A 34 25.70 -21.71 -7.03
C VAL A 34 27.20 -21.52 -7.22
N LEU A 35 27.77 -20.46 -6.65
CA LEU A 35 29.21 -20.28 -6.67
C LEU A 35 29.91 -21.47 -6.00
N LEU A 36 29.37 -21.92 -4.87
CA LEU A 36 29.96 -23.08 -4.19
C LEU A 36 29.94 -24.32 -5.06
N LEU A 37 28.82 -24.56 -5.75
CA LEU A 37 28.70 -25.74 -6.60
C LEU A 37 29.48 -25.61 -7.90
N SER A 38 29.89 -24.39 -8.26
CA SER A 38 30.62 -24.19 -9.50
C SER A 38 31.93 -24.97 -9.53
N PHE A 39 32.66 -25.02 -8.41
CA PHE A 39 33.92 -25.73 -8.33
C PHE A 39 33.79 -27.06 -7.59
N SER A 40 32.65 -27.73 -7.75
CA SER A 40 32.40 -29.01 -7.10
C SER A 40 32.05 -30.07 -8.14
N GLU A 41 32.46 -31.31 -7.86
CA GLU A 41 32.17 -32.45 -8.73
C GLU A 41 31.14 -33.34 -8.05
N MET A 42 30.04 -33.61 -8.75
CA MET A 42 28.94 -34.38 -8.19
C MET A 42 29.12 -35.86 -8.47
N ASP A 43 28.75 -36.69 -7.50
CA ASP A 43 28.81 -38.13 -7.67
C ASP A 43 27.77 -38.57 -8.69
N VAL A 44 28.21 -39.33 -9.70
CA VAL A 44 27.32 -39.73 -10.78
C VAL A 44 26.28 -40.73 -10.29
N LEU A 45 26.68 -41.66 -9.41
CA LEU A 45 25.74 -42.65 -8.90
C LEU A 45 24.64 -41.99 -8.07
N LYS A 46 25.03 -41.10 -7.15
CA LYS A 46 24.04 -40.41 -6.33
C LYS A 46 23.15 -39.53 -7.19
N PHE A 47 23.73 -38.88 -8.21
CA PHE A 47 22.92 -38.07 -9.12
C PHE A 47 21.91 -38.93 -9.89
N LYS A 48 22.33 -40.12 -10.31
CA LYS A 48 21.41 -41.03 -10.99
C LYS A 48 20.27 -41.46 -10.06
N GLN A 49 20.61 -41.76 -8.81
CA GLN A 49 19.58 -42.11 -7.83
C GLN A 49 18.59 -40.96 -7.64
N ILE A 50 19.11 -39.74 -7.51
CA ILE A 50 18.24 -38.58 -7.30
C ILE A 50 17.36 -38.35 -8.50
N ALA A 51 17.93 -38.47 -9.71
CA ALA A 51 17.15 -38.28 -10.93
C ALA A 51 16.05 -39.32 -11.05
N GLY A 52 16.37 -40.58 -10.73
CA GLY A 52 15.35 -41.62 -10.77
C GLY A 52 14.24 -41.37 -9.77
N SER A 53 14.59 -40.97 -8.54
CA SER A 53 13.58 -40.68 -7.54
C SER A 53 12.70 -39.52 -7.97
N MET A 54 13.30 -38.46 -8.53
CA MET A 54 12.52 -37.31 -8.97
C MET A 54 11.61 -37.67 -10.15
N LYS A 55 12.11 -38.49 -11.08
CA LYS A 55 11.28 -38.93 -12.20
C LYS A 55 10.10 -39.76 -11.71
N PHE A 56 10.33 -40.65 -10.74
CA PHE A 56 9.24 -41.44 -10.20
C PHE A 56 8.23 -40.58 -9.45
N ALA A 57 8.72 -39.57 -8.73
CA ALA A 57 7.83 -38.74 -7.92
C ALA A 57 6.92 -37.87 -8.78
N PHE A 58 7.45 -37.33 -9.87
CA PHE A 58 6.70 -36.42 -10.73
C PHE A 58 5.79 -37.14 -11.70
N GLY A 59 5.94 -38.45 -11.86
CA GLY A 59 5.11 -39.21 -12.77
C GLY A 59 5.90 -40.14 -13.67
N GLY B 14 2.74 -0.78 -1.02
CA GLY B 14 3.46 -1.92 -0.49
C GLY B 14 4.22 -2.69 -1.54
N LEU B 15 4.66 -3.90 -1.18
CA LEU B 15 5.40 -4.75 -2.08
C LEU B 15 4.50 -5.29 -3.19
N PRO B 16 5.08 -5.66 -4.33
CA PRO B 16 4.29 -6.33 -5.37
C PRO B 16 3.73 -7.64 -4.86
N LEU B 17 2.53 -7.97 -5.34
CA LEU B 17 1.84 -9.17 -4.86
C LEU B 17 2.57 -10.45 -5.21
N TRP B 18 3.24 -10.52 -6.36
CA TRP B 18 3.90 -11.73 -6.79
C TRP B 18 5.20 -12.01 -6.05
N MET B 19 5.75 -11.00 -5.35
CA MET B 19 7.05 -11.16 -4.70
C MET B 19 7.08 -12.39 -3.80
N GLY B 20 6.00 -12.64 -3.05
CA GLY B 20 5.91 -13.86 -2.26
C GLY B 20 6.30 -15.08 -3.07
N THR B 21 5.56 -15.34 -4.15
CA THR B 21 5.91 -16.46 -5.02
C THR B 21 7.36 -16.39 -5.45
N PHE B 22 7.84 -15.19 -5.83
CA PHE B 22 9.23 -15.04 -6.20
C PHE B 22 10.14 -15.59 -5.11
N ALA B 23 9.95 -15.11 -3.88
CA ALA B 23 10.73 -15.65 -2.77
C ALA B 23 10.61 -17.16 -2.74
N ASN B 24 9.38 -17.67 -2.73
CA ASN B 24 9.15 -19.10 -2.81
C ASN B 24 9.98 -19.70 -3.94
N LEU B 25 9.76 -19.22 -5.17
CA LEU B 25 10.51 -19.75 -6.30
C LEU B 25 12.00 -19.69 -6.01
N MET B 26 12.49 -18.51 -5.61
CA MET B 26 13.90 -18.38 -5.26
C MET B 26 14.30 -19.48 -4.29
N SER B 27 13.65 -19.49 -3.13
CA SER B 27 13.98 -20.47 -2.10
C SER B 27 14.02 -21.86 -2.69
N LEU B 28 13.00 -22.19 -3.48
CA LEU B 28 12.90 -23.52 -4.07
C LEU B 28 14.23 -23.92 -4.71
N LEU B 29 14.64 -23.21 -5.76
CA LEU B 29 15.82 -23.67 -6.47
C LEU B 29 17.03 -23.65 -5.56
N MET B 30 17.10 -22.67 -4.67
CA MET B 30 18.24 -22.58 -3.77
C MET B 30 18.40 -23.90 -3.01
N CYS B 31 17.30 -24.40 -2.43
CA CYS B 31 17.39 -25.64 -1.68
C CYS B 31 17.82 -26.79 -2.56
N PHE B 32 17.31 -26.83 -3.79
CA PHE B 32 17.75 -27.86 -4.73
C PHE B 32 19.27 -27.81 -4.89
N PHE B 33 19.82 -26.60 -4.99
CA PHE B 33 21.28 -26.47 -5.10
C PHE B 33 21.96 -27.02 -3.86
N VAL B 34 21.40 -26.75 -2.68
CA VAL B 34 21.94 -27.33 -1.45
C VAL B 34 21.94 -28.85 -1.56
N LEU B 35 20.86 -29.42 -2.10
CA LEU B 35 20.84 -30.86 -2.32
C LEU B 35 21.95 -31.28 -3.27
N LEU B 36 22.16 -30.50 -4.33
CA LEU B 36 23.24 -30.81 -5.26
C LEU B 36 24.60 -30.75 -4.55
N LEU B 37 24.69 -29.97 -3.47
CA LEU B 37 25.94 -29.89 -2.73
C LEU B 37 26.08 -31.00 -1.69
N SER B 38 25.01 -31.76 -1.41
CA SER B 38 25.08 -32.78 -0.39
C SER B 38 25.87 -33.99 -0.85
N PHE B 39 26.08 -34.14 -2.16
CA PHE B 39 26.80 -35.25 -2.75
C PHE B 39 27.85 -34.74 -3.74
N SER B 40 28.33 -33.52 -3.51
CA SER B 40 29.33 -32.92 -4.38
C SER B 40 30.73 -33.11 -3.78
N GLU B 41 31.74 -33.06 -4.63
CA GLU B 41 33.13 -33.17 -4.21
C GLU B 41 33.87 -31.93 -4.67
N MET B 42 34.50 -31.22 -3.72
CA MET B 42 35.17 -29.97 -4.04
C MET B 42 36.41 -30.21 -4.89
N ASP B 43 36.70 -29.27 -5.79
CA ASP B 43 37.86 -29.33 -6.66
C ASP B 43 38.72 -28.11 -6.41
N VAL B 44 39.98 -28.35 -6.02
CA VAL B 44 40.87 -27.25 -5.66
C VAL B 44 41.26 -26.44 -6.89
N LEU B 45 41.55 -27.11 -8.00
CA LEU B 45 41.95 -26.40 -9.21
C LEU B 45 40.82 -25.54 -9.75
N LYS B 46 39.60 -26.07 -9.75
CA LYS B 46 38.45 -25.27 -10.19
C LYS B 46 38.24 -24.08 -9.25
N PHE B 47 38.46 -24.27 -7.96
CA PHE B 47 38.43 -23.15 -7.03
C PHE B 47 39.50 -22.12 -7.39
N LYS B 48 40.66 -22.58 -7.85
CA LYS B 48 41.73 -21.64 -8.19
C LYS B 48 41.37 -20.80 -9.41
N GLN B 49 40.86 -21.43 -10.48
CA GLN B 49 40.42 -20.63 -11.61
C GLN B 49 39.24 -19.73 -11.24
N ILE B 50 38.33 -20.21 -10.40
CA ILE B 50 37.20 -19.37 -9.99
C ILE B 50 37.71 -18.14 -9.24
N ALA B 51 38.66 -18.33 -8.32
CA ALA B 51 39.21 -17.21 -7.57
C ALA B 51 39.94 -16.23 -8.48
N GLY B 52 40.72 -16.75 -9.44
CA GLY B 52 41.41 -15.88 -10.36
C GLY B 52 40.45 -15.05 -11.21
N SER B 53 39.41 -15.69 -11.72
CA SER B 53 38.41 -14.97 -12.51
C SER B 53 37.67 -13.95 -11.66
N MET B 54 37.37 -14.29 -10.39
CA MET B 54 36.72 -13.36 -9.49
C MET B 54 37.60 -12.13 -9.25
N LYS B 55 38.89 -12.36 -9.03
CA LYS B 55 39.83 -11.27 -8.83
C LYS B 55 39.92 -10.39 -10.08
N PHE B 56 39.95 -11.00 -11.26
CA PHE B 56 40.03 -10.23 -12.50
C PHE B 56 38.77 -9.42 -12.74
N ALA B 57 37.60 -10.00 -12.42
CA ALA B 57 36.33 -9.34 -12.73
C ALA B 57 36.12 -8.09 -11.87
N PHE B 58 36.43 -8.18 -10.58
CA PHE B 58 36.20 -7.07 -9.67
C PHE B 58 37.29 -6.00 -9.74
N GLY B 59 38.18 -6.09 -10.73
CA GLY B 59 39.18 -5.05 -10.92
C GLY B 59 40.18 -4.93 -9.80
N VAL B 60 40.56 -6.06 -9.19
CA VAL B 60 41.53 -6.05 -8.11
C VAL B 60 42.66 -7.03 -8.41
N PHE C 29 25.93 -13.85 16.79
CA PHE C 29 27.27 -13.38 17.12
C PHE C 29 27.24 -11.91 17.51
N VAL C 30 28.42 -11.31 17.62
CA VAL C 30 28.59 -9.89 17.91
C VAL C 30 29.64 -9.34 16.97
N ASP C 31 29.40 -8.13 16.45
CA ASP C 31 30.31 -7.47 15.53
C ASP C 31 30.11 -5.97 15.62
N VAL C 32 31.18 -5.25 15.97
CA VAL C 32 31.09 -3.79 16.04
C VAL C 32 30.93 -3.19 14.67
N THR C 33 31.62 -3.75 13.67
CA THR C 33 31.61 -3.18 12.33
C THR C 33 30.21 -3.22 11.72
N SER C 34 29.52 -4.35 11.84
CA SER C 34 28.22 -4.51 11.18
C SER C 34 27.17 -3.57 11.80
N ILE C 35 27.10 -3.54 13.13
CA ILE C 35 26.17 -2.63 13.79
C ILE C 35 26.56 -1.19 13.50
N LEU C 36 27.86 -0.93 13.32
CA LEU C 36 28.30 0.41 12.95
C LEU C 36 27.77 0.80 11.58
N ILE C 37 27.86 -0.08 10.59
CA ILE C 37 27.33 0.22 9.26
C ILE C 37 25.83 0.46 9.33
N VAL C 38 25.10 -0.43 10.03
CA VAL C 38 23.65 -0.30 10.09
C VAL C 38 23.26 1.02 10.74
N VAL C 39 23.85 1.33 11.90
CA VAL C 39 23.49 2.53 12.63
C VAL C 39 23.91 3.78 11.85
N GLY C 40 25.09 3.76 11.22
CA GLY C 40 25.54 4.91 10.48
C GLY C 40 24.65 5.20 9.28
N GLY C 41 24.29 4.17 8.52
CA GLY C 41 23.38 4.38 7.40
C GLY C 41 22.02 4.88 7.84
N SER C 42 21.46 4.26 8.89
CA SER C 42 20.16 4.72 9.38
C SER C 42 20.22 6.15 9.86
N ILE C 43 21.27 6.50 10.60
CA ILE C 43 21.43 7.85 11.12
C ILE C 43 21.58 8.86 9.99
N PHE C 44 22.37 8.53 8.97
CA PHE C 44 22.55 9.46 7.86
C PHE C 44 21.25 9.69 7.12
N VAL C 45 20.51 8.62 6.83
CA VAL C 45 19.26 8.79 6.08
C VAL C 45 18.23 9.54 6.90
N VAL C 46 18.13 9.24 8.21
CA VAL C 46 17.17 9.93 9.05
C VAL C 46 17.55 11.40 9.20
N LEU C 47 18.84 11.69 9.41
CA LEU C 47 19.30 13.06 9.52
C LEU C 47 19.19 13.82 8.22
N MET C 48 19.04 13.11 7.09
CA MET C 48 18.63 13.80 5.87
C MET C 48 17.14 14.04 5.85
N LYS C 49 16.34 13.08 6.34
CA LYS C 49 14.90 13.27 6.43
C LYS C 49 14.55 14.35 7.46
N PHE C 50 15.09 14.23 8.68
CA PHE C 50 14.82 15.16 9.77
C PHE C 50 16.06 16.00 10.04
N THR C 51 16.02 16.77 11.12
CA THR C 51 17.17 17.52 11.59
C THR C 51 17.67 16.94 12.91
N MET C 52 18.88 17.35 13.29
CA MET C 52 19.50 16.82 14.50
C MET C 52 18.69 17.17 15.74
N GLY C 53 18.18 18.41 15.79
CA GLY C 53 17.36 18.80 16.94
C GLY C 53 16.09 17.99 17.05
N GLN C 54 15.43 17.73 15.92
CA GLN C 54 14.23 16.90 15.94
C GLN C 54 14.55 15.47 16.35
N PHE C 55 15.67 14.93 15.88
CA PHE C 55 16.07 13.59 16.29
C PHE C 55 16.30 13.52 17.80
N PHE C 56 17.00 14.51 18.36
CA PHE C 56 17.23 14.51 19.79
C PHE C 56 15.93 14.70 20.56
N GLY C 57 15.03 15.54 20.06
CA GLY C 57 13.74 15.69 20.71
C GLY C 57 12.93 14.41 20.71
N ALA C 58 12.96 13.68 19.60
CA ALA C 58 12.29 12.39 19.54
C ALA C 58 12.90 11.40 20.52
N THR C 59 14.23 11.38 20.63
CA THR C 59 14.87 10.51 21.60
C THR C 59 14.46 10.87 23.03
N LYS C 60 14.43 12.16 23.35
CA LYS C 60 14.05 12.59 24.69
C LYS C 60 12.61 12.22 25.00
N ILE C 61 11.69 12.42 24.05
CA ILE C 61 10.30 12.10 24.32
C ILE C 61 10.10 10.59 24.43
N ALA C 62 10.85 9.80 23.64
CA ALA C 62 10.76 8.36 23.78
C ALA C 62 11.29 7.89 25.13
N GLY C 63 12.39 8.49 25.58
CA GLY C 63 12.90 8.15 26.90
C GLY C 63 11.93 8.53 28.01
N LYS C 64 11.28 9.68 27.89
CA LYS C 64 10.29 10.09 28.88
C LYS C 64 9.09 9.15 28.87
N ALA C 65 8.67 8.71 27.69
CA ALA C 65 7.56 7.76 27.59
C ALA C 65 7.90 6.40 28.16
N PHE C 66 9.15 5.95 28.03
CA PHE C 66 9.55 4.64 28.52
C PHE C 66 9.83 4.65 30.02
N MET C 67 10.72 5.53 30.49
CA MET C 67 11.14 5.50 31.88
C MET C 67 10.08 6.02 32.83
N PHE C 68 9.15 6.84 32.36
CA PHE C 68 8.08 7.37 33.19
C PHE C 68 6.77 6.65 32.88
N LYS C 69 5.79 6.84 33.76
CA LYS C 69 4.48 6.22 33.64
C LYS C 69 3.41 7.30 33.61
N ALA C 70 2.51 7.19 32.64
CA ALA C 70 1.39 8.14 32.57
C ALA C 70 0.45 7.95 33.74
N ASP C 71 -0.08 9.05 34.25
CA ASP C 71 -0.96 8.99 35.41
C ASP C 71 -2.26 8.28 35.05
N GLU C 72 -2.70 7.40 35.94
CA GLU C 72 -3.91 6.64 35.70
C GLU C 72 -5.12 7.57 35.69
N PRO C 73 -6.02 7.42 34.73
CA PRO C 73 -7.20 8.32 34.68
C PRO C 73 -8.11 8.19 35.88
N GLU C 74 -8.09 7.05 36.59
CA GLU C 74 -8.86 6.95 37.82
C GLU C 74 -8.33 7.93 38.87
N ASP C 75 -7.01 8.05 38.98
CA ASP C 75 -6.43 9.00 39.92
C ASP C 75 -6.77 10.44 39.54
N LEU C 76 -6.74 10.74 38.24
CA LEU C 76 -7.11 12.08 37.79
C LEU C 76 -8.58 12.37 38.07
N ILE C 77 -9.45 11.37 37.88
CA ILE C 77 -10.86 11.54 38.18
C ILE C 77 -11.06 11.79 39.67
N ALA C 78 -10.36 11.05 40.51
CA ALA C 78 -10.45 11.25 41.95
C ALA C 78 -9.93 12.63 42.35
N LYS C 79 -8.86 13.09 41.71
CA LYS C 79 -8.36 14.43 41.96
C LYS C 79 -9.39 15.48 41.59
N ILE C 80 -10.06 15.30 40.44
CA ILE C 80 -11.12 16.22 40.05
C ILE C 80 -12.28 16.16 41.03
N VAL C 81 -12.57 14.97 41.58
CA VAL C 81 -13.57 14.85 42.62
C VAL C 81 -13.21 15.71 43.82
N GLU C 82 -11.96 15.61 44.26
CA GLU C 82 -11.53 16.41 45.42
C GLU C 82 -11.59 17.89 45.11
N MET C 83 -11.18 18.29 43.90
CA MET C 83 -11.24 19.70 43.51
C MET C 83 -12.67 20.22 43.49
N ALA C 84 -13.61 19.43 42.96
CA ALA C 84 -15.00 19.85 42.92
C ALA C 84 -15.61 19.90 44.32
N ASP C 85 -15.25 18.95 45.18
CA ASP C 85 -15.75 18.97 46.54
C ASP C 85 -15.23 20.17 47.31
N ALA C 86 -13.96 20.52 47.11
CA ALA C 86 -13.38 21.70 47.74
C ALA C 86 -13.83 23.00 47.08
N ALA C 87 -14.36 22.94 45.86
CA ALA C 87 -14.81 24.13 45.16
C ALA C 87 -15.83 23.79 44.09
N ILE C 100 -3.29 18.58 42.83
CA ILE C 100 -2.64 19.40 41.82
C ILE C 100 -1.18 18.99 41.64
N ASN C 101 -0.94 17.96 40.84
CA ASN C 101 0.40 17.46 40.55
C ASN C 101 0.73 17.46 39.07
N ASN C 102 -0.24 17.14 38.21
CA ASN C 102 0.01 17.12 36.78
C ASN C 102 0.18 18.54 36.27
N THR C 103 1.09 18.71 35.31
CA THR C 103 1.37 20.04 34.76
C THR C 103 0.15 20.61 34.05
N PHE C 104 -0.57 19.78 33.28
CA PHE C 104 -1.75 20.26 32.58
C PHE C 104 -2.84 20.70 33.56
N MET C 105 -3.06 19.91 34.61
CA MET C 105 -4.04 20.30 35.62
C MET C 105 -3.62 21.57 36.35
N GLN C 106 -2.33 21.71 36.62
CA GLN C 106 -1.84 22.94 37.24
C GLN C 106 -2.07 24.15 36.35
N LYS C 107 -1.82 24.00 35.05
CA LYS C 107 -2.09 25.09 34.12
C LYS C 107 -3.58 25.40 34.07
N GLY C 108 -4.43 24.38 34.09
CA GLY C 108 -5.87 24.62 34.12
C GLY C 108 -6.31 25.37 35.36
N ILE C 109 -5.76 25.00 36.52
CA ILE C 109 -6.08 25.71 37.76
C ILE C 109 -5.63 27.15 37.69
N ASP C 110 -4.40 27.38 37.20
CA ASP C 110 -3.89 28.75 37.11
C ASP C 110 -4.73 29.59 36.16
N LEU C 111 -5.18 28.98 35.05
CA LEU C 111 -6.01 29.70 34.10
C LEU C 111 -7.41 29.95 34.64
N LEU C 112 -7.90 29.08 35.52
CA LEU C 112 -9.20 29.30 36.15
C LEU C 112 -9.13 30.35 37.26
N VAL C 113 -7.99 30.47 37.94
CA VAL C 113 -7.89 31.37 39.08
C VAL C 113 -8.05 32.82 38.64
N ASP C 114 -7.36 33.21 37.57
CA ASP C 114 -7.35 34.61 37.14
C ASP C 114 -8.55 34.95 36.27
N GLY C 115 -9.74 34.59 36.73
CA GLY C 115 -11.01 34.98 36.13
C GLY C 115 -11.09 34.91 34.62
N HIS C 116 -10.93 33.72 34.05
CA HIS C 116 -10.95 33.53 32.61
C HIS C 116 -12.19 32.74 32.20
N ASP C 117 -12.89 33.25 31.19
CA ASP C 117 -14.09 32.58 30.68
C ASP C 117 -13.71 31.28 29.99
N ALA C 118 -14.74 30.48 29.69
CA ALA C 118 -14.52 29.14 29.16
C ALA C 118 -13.83 29.18 27.79
N ASP C 119 -14.08 30.22 27.00
CA ASP C 119 -13.55 30.24 25.63
C ASP C 119 -12.03 30.30 25.61
N VAL C 120 -11.43 31.19 26.40
CA VAL C 120 -9.99 31.39 26.33
C VAL C 120 -9.25 30.18 26.91
N VAL C 121 -9.72 29.66 28.04
CA VAL C 121 -9.08 28.49 28.63
C VAL C 121 -9.25 27.29 27.70
N ARG C 122 -10.41 27.14 27.09
CA ARG C 122 -10.65 26.05 26.14
C ARG C 122 -9.69 26.15 24.96
N ALA C 123 -9.51 27.38 24.42
CA ALA C 123 -8.60 27.55 23.29
C ALA C 123 -7.18 27.22 23.67
N ALA C 124 -6.73 27.68 24.85
CA ALA C 124 -5.38 27.37 25.30
C ALA C 124 -5.17 25.87 25.48
N LEU C 125 -6.17 25.19 26.04
CA LEU C 125 -6.03 23.75 26.26
C LEU C 125 -6.05 22.99 24.93
N LYS C 126 -6.87 23.42 23.96
CA LYS C 126 -6.79 22.82 22.63
C LYS C 126 -5.42 23.03 22.00
N LYS C 127 -4.85 24.23 22.16
CA LYS C 127 -3.52 24.48 21.61
C LYS C 127 -2.48 23.55 22.24
N ASP C 128 -2.53 23.39 23.56
CA ASP C 128 -1.57 22.51 24.23
C ASP C 128 -1.77 21.06 23.81
N ILE C 129 -3.03 20.63 23.69
CA ILE C 129 -3.31 19.25 23.29
C ILE C 129 -2.80 18.99 21.88
N ALA C 130 -3.03 19.95 20.97
CA ALA C 130 -2.54 19.79 19.60
C ALA C 130 -1.02 19.77 19.56
N LEU C 131 -0.37 20.61 20.37
CA LEU C 131 1.08 20.60 20.42
C LEU C 131 1.62 19.25 20.89
N THR C 132 1.03 18.69 21.95
CA THR C 132 1.48 17.40 22.45
C THR C 132 1.25 16.30 21.41
N ASP C 133 0.07 16.31 20.78
CA ASP C 133 -0.22 15.30 19.76
C ASP C 133 0.75 15.40 18.59
N GLU C 134 1.07 16.63 18.16
CA GLU C 134 2.01 16.81 17.06
C GLU C 134 3.41 16.33 17.45
N ARG C 135 3.84 16.64 18.67
CA ARG C 135 5.16 16.18 19.11
C ARG C 135 5.24 14.65 19.12
N HIS C 136 4.21 14.00 19.65
CA HIS C 136 4.21 12.53 19.68
C HIS C 136 4.15 11.94 18.29
N THR C 137 3.35 12.54 17.39
CA THR C 137 3.25 12.05 16.03
C THR C 137 4.59 12.18 15.31
N GLN C 138 5.29 13.29 15.51
CA GLN C 138 6.59 13.46 14.87
C GLN C 138 7.62 12.48 15.42
N GLY C 139 7.58 12.21 16.73
CA GLY C 139 8.47 11.19 17.27
C GLY C 139 8.19 9.82 16.69
N THR C 140 6.91 9.46 16.58
CA THR C 140 6.53 8.21 15.92
C THR C 140 7.05 8.19 14.49
N GLY C 141 6.96 9.31 13.78
CA GLY C 141 7.46 9.37 12.42
C GLY C 141 8.96 9.14 12.33
N VAL C 142 9.72 9.75 13.25
CA VAL C 142 11.18 9.55 13.25
C VAL C 142 11.51 8.08 13.47
N PHE C 143 10.86 7.46 14.45
CA PHE C 143 11.21 6.07 14.74
C PHE C 143 10.71 5.12 13.66
N ARG C 144 9.58 5.43 13.02
CA ARG C 144 9.15 4.65 11.86
C ARG C 144 10.14 4.78 10.71
N ALA C 145 10.67 5.97 10.49
CA ALA C 145 11.69 6.16 9.46
C ALA C 145 12.93 5.33 9.76
N PHE C 146 13.37 5.33 11.02
CA PHE C 146 14.48 4.48 11.42
C PHE C 146 14.18 3.01 11.14
N GLY C 147 12.95 2.57 11.46
CA GLY C 147 12.59 1.19 11.25
C GLY C 147 12.57 0.80 9.79
N ASP C 148 12.04 1.67 8.93
CA ASP C 148 12.04 1.39 7.49
C ASP C 148 13.42 1.49 6.86
N VAL C 149 14.33 2.26 7.45
CA VAL C 149 15.65 2.42 6.84
C VAL C 149 16.63 1.35 7.27
N ALA C 150 16.52 0.85 8.51
CA ALA C 150 17.52 -0.09 9.03
C ALA C 150 17.73 -1.33 8.18
N PRO C 151 16.69 -2.07 7.76
CA PRO C 151 16.98 -3.32 7.00
C PRO C 151 17.59 -3.07 5.64
N ALA C 152 17.28 -1.94 4.99
CA ALA C 152 17.93 -1.62 3.73
C ALA C 152 19.43 -1.43 3.92
N MET C 153 19.82 -0.74 5.00
CA MET C 153 21.24 -0.59 5.30
C MET C 153 21.87 -1.93 5.64
N GLY C 154 21.12 -2.80 6.32
CA GLY C 154 21.63 -4.14 6.57
C GLY C 154 21.91 -4.90 5.29
N MET C 155 21.00 -4.81 4.32
CA MET C 155 21.22 -5.48 3.04
CA MET C 155 21.21 -5.47 3.03
C MET C 155 22.40 -4.87 2.30
N ILE C 156 22.55 -3.53 2.35
CA ILE C 156 23.68 -2.88 1.70
C ILE C 156 24.99 -3.37 2.31
N GLY C 157 25.05 -3.45 3.64
CA GLY C 157 26.26 -3.95 4.28
C GLY C 157 26.54 -5.40 3.96
N THR C 158 25.49 -6.22 3.89
CA THR C 158 25.66 -7.62 3.52
C THR C 158 26.23 -7.76 2.12
N LEU C 159 25.69 -6.97 1.17
CA LEU C 159 26.20 -7.03 -0.20
C LEU C 159 27.64 -6.54 -0.28
N VAL C 160 27.98 -5.50 0.48
CA VAL C 160 29.35 -5.00 0.49
C VAL C 160 30.29 -6.06 1.03
N GLY C 161 29.89 -6.74 2.12
CA GLY C 161 30.73 -7.80 2.66
C GLY C 161 30.90 -8.96 1.70
N LEU C 162 29.83 -9.35 1.01
CA LEU C 162 29.93 -10.42 0.03
C LEU C 162 30.86 -10.02 -1.12
N VAL C 163 30.75 -8.77 -1.57
CA VAL C 163 31.63 -8.28 -2.64
C VAL C 163 33.08 -8.33 -2.19
N ALA C 164 33.36 -7.89 -0.97
CA ALA C 164 34.74 -7.94 -0.46
C ALA C 164 35.26 -9.36 -0.39
N MET C 165 34.43 -10.29 0.14
CA MET C 165 34.87 -11.67 0.26
C MET C 165 35.15 -12.28 -1.11
N LEU C 166 34.29 -12.00 -2.09
CA LEU C 166 34.55 -12.46 -3.46
C LEU C 166 35.81 -11.83 -4.03
N SER C 167 36.05 -10.55 -3.74
CA SER C 167 37.24 -9.87 -4.23
C SER C 167 38.53 -10.47 -3.70
N ASN C 168 38.60 -10.83 -2.42
CA ASN C 168 39.78 -11.52 -1.89
C ASN C 168 39.42 -12.95 -1.50
N MET C 169 39.53 -13.86 -2.47
CA MET C 169 39.22 -15.27 -2.26
C MET C 169 40.51 -16.07 -2.19
N ASP C 170 40.92 -16.45 -0.98
CA ASP C 170 42.18 -17.15 -0.79
C ASP C 170 41.98 -18.57 -0.26
N ASP C 171 41.27 -18.73 0.86
CA ASP C 171 41.15 -20.00 1.54
C ASP C 171 39.73 -20.53 1.37
N PRO C 172 39.54 -21.65 0.67
CA PRO C 172 38.16 -22.17 0.50
C PRO C 172 37.49 -22.53 1.81
N LYS C 173 38.23 -23.06 2.78
CA LYS C 173 37.65 -23.36 4.08
C LYS C 173 37.09 -22.14 4.78
N ALA C 174 37.47 -20.94 4.34
CA ALA C 174 36.97 -19.70 4.91
C ALA C 174 35.92 -19.02 4.02
N ILE C 175 35.43 -19.72 2.98
CA ILE C 175 34.38 -19.10 2.18
C ILE C 175 33.06 -19.09 2.93
N GLY C 176 32.86 -20.05 3.83
CA GLY C 176 31.65 -20.16 4.59
C GLY C 176 31.57 -19.19 5.76
N PRO C 177 32.51 -19.30 6.71
CA PRO C 177 32.45 -18.41 7.88
C PRO C 177 32.54 -16.93 7.55
N ALA C 178 33.32 -16.56 6.52
CA ALA C 178 33.49 -15.15 6.21
C ALA C 178 32.16 -14.50 5.88
N MET C 179 31.40 -15.08 4.93
CA MET C 179 30.10 -14.52 4.60
C MET C 179 29.19 -14.47 5.81
N ALA C 180 29.46 -15.33 6.81
CA ALA C 180 28.70 -15.30 8.04
C ALA C 180 28.67 -13.90 8.64
N VAL C 181 29.84 -13.27 8.78
CA VAL C 181 29.85 -11.95 9.41
C VAL C 181 29.10 -10.96 8.52
N ALA C 182 29.15 -11.16 7.20
CA ALA C 182 28.36 -10.33 6.30
C ALA C 182 26.88 -10.41 6.65
N LEU C 183 26.38 -11.63 6.86
CA LEU C 183 24.98 -11.79 7.24
C LEU C 183 24.69 -11.12 8.57
N LEU C 184 25.70 -10.97 9.44
CA LEU C 184 25.49 -10.27 10.71
C LEU C 184 24.96 -8.87 10.49
N THR C 185 25.26 -8.27 9.33
CA THR C 185 24.65 -6.97 9.03
C THR C 185 23.15 -7.10 8.89
N THR C 186 22.70 -7.99 7.98
CA THR C 186 21.27 -8.13 7.71
C THR C 186 20.51 -8.42 8.99
N LEU C 187 20.94 -9.44 9.72
CA LEU C 187 20.30 -9.78 10.99
C LEU C 187 20.16 -8.56 11.87
N TYR C 188 21.25 -7.79 12.03
CA TYR C 188 21.20 -6.61 12.87
C TYR C 188 20.07 -5.69 12.43
N GLY C 189 20.03 -5.38 11.13
CA GLY C 189 18.96 -4.54 10.62
C GLY C 189 17.61 -5.08 11.00
N ALA C 190 17.39 -6.38 10.75
CA ALA C 190 16.11 -6.99 11.08
C ALA C 190 15.78 -6.78 12.54
N ILE C 191 16.76 -7.04 13.43
CA ILE C 191 16.51 -6.83 14.84
C ILE C 191 16.14 -5.38 15.10
N LEU C 192 16.93 -4.44 14.57
CA LEU C 192 16.63 -3.04 14.79
C LEU C 192 15.34 -2.62 14.12
N SER C 193 14.90 -3.39 13.12
CA SER C 193 13.65 -3.04 12.46
C SER C 193 12.44 -3.62 13.17
N ASN C 194 12.65 -4.59 14.08
CA ASN C 194 11.52 -5.30 14.68
C ASN C 194 11.55 -5.35 16.19
N MET C 195 12.73 -5.24 16.82
CA MET C 195 12.82 -5.23 18.27
C MET C 195 12.93 -3.84 18.88
N VAL C 196 13.45 -2.86 18.14
CA VAL C 196 13.75 -1.57 18.74
C VAL C 196 12.89 -0.47 18.14
N PHE C 197 13.06 -0.17 16.86
CA PHE C 197 12.53 1.07 16.31
C PHE C 197 11.02 1.00 16.12
N PHE C 198 10.52 -0.05 15.47
CA PHE C 198 9.07 -0.20 15.34
C PHE C 198 8.38 -0.35 16.69
N PRO C 199 8.86 -1.17 17.64
CA PRO C 199 8.22 -1.17 18.96
C PRO C 199 8.27 0.18 19.67
N ILE C 200 9.36 0.94 19.50
CA ILE C 200 9.41 2.27 20.12
C ILE C 200 8.37 3.19 19.50
N ALA C 201 8.21 3.12 18.18
CA ALA C 201 7.18 3.93 17.53
C ALA C 201 5.78 3.54 18.02
N ASP C 202 5.53 2.24 18.16
CA ASP C 202 4.24 1.79 18.67
C ASP C 202 4.01 2.27 20.10
N LYS C 203 5.05 2.20 20.94
CA LYS C 203 4.93 2.68 22.32
C LYS C 203 4.69 4.18 22.34
N LEU C 204 5.33 4.93 21.44
CA LEU C 204 5.10 6.37 21.38
C LEU C 204 3.67 6.69 20.97
N SER C 205 3.12 5.93 20.01
CA SER C 205 1.72 6.13 19.63
C SER C 205 0.78 5.81 20.79
N LEU C 206 1.06 4.72 21.50
CA LEU C 206 0.24 4.35 22.67
C LEU C 206 0.32 5.42 23.76
N ARG C 207 1.51 5.94 24.02
CA ARG C 207 1.66 6.99 25.02
C ARG C 207 0.98 8.27 24.58
N ARG C 208 0.99 8.55 23.28
CA ARG C 208 0.24 9.67 22.74
C ARG C 208 -1.25 9.51 22.99
N ASP C 209 -1.77 8.29 22.78
CA ASP C 209 -3.17 8.03 23.06
C ASP C 209 -3.49 8.25 24.54
N GLN C 210 -2.63 7.75 25.43
CA GLN C 210 -2.87 7.97 26.87
C GLN C 210 -2.82 9.44 27.23
N GLU C 211 -1.83 10.17 26.71
CA GLU C 211 -1.70 11.59 27.04
C GLU C 211 -2.89 12.39 26.53
N THR C 212 -3.35 12.12 25.30
CA THR C 212 -4.49 12.86 24.79
C THR C 212 -5.78 12.49 25.53
N LEU C 213 -5.91 11.23 25.97
CA LEU C 213 -7.07 10.86 26.78
C LEU C 213 -7.06 11.59 28.12
N ASN C 214 -5.89 11.62 28.78
CA ASN C 214 -5.78 12.32 30.05
C ASN C 214 -6.06 13.81 29.89
N ARG C 215 -5.57 14.39 28.78
CA ARG C 215 -5.78 15.81 28.55
C ARG C 215 -7.25 16.13 28.25
N ARG C 216 -7.94 15.26 27.50
CA ARG C 216 -9.37 15.45 27.30
C ARG C 216 -10.12 15.33 28.62
N LEU C 217 -9.73 14.38 29.47
CA LEU C 217 -10.38 14.23 30.77
C LEU C 217 -10.16 15.47 31.63
N ILE C 218 -8.96 16.02 31.61
CA ILE C 218 -8.67 17.24 32.36
C ILE C 218 -9.47 18.41 31.79
N MET C 219 -9.61 18.47 30.47
CA MET C 219 -10.46 19.48 29.83
C MET C 219 -11.89 19.39 30.36
N ASP C 220 -12.44 18.17 30.38
CA ASP C 220 -13.81 17.99 30.83
C ASP C 220 -13.96 18.37 32.30
N GLY C 221 -12.97 17.99 33.13
CA GLY C 221 -13.02 18.37 34.53
C GLY C 221 -12.95 19.87 34.74
N VAL C 222 -12.11 20.55 33.97
CA VAL C 222 -11.99 22.00 34.09
C VAL C 222 -13.29 22.68 33.64
N LEU C 223 -13.89 22.19 32.55
CA LEU C 223 -15.16 22.75 32.11
C LEU C 223 -16.24 22.54 33.16
N ALA C 224 -16.30 21.36 33.77
CA ALA C 224 -17.26 21.11 34.83
C ALA C 224 -17.02 22.03 36.02
N ILE C 225 -15.74 22.24 36.38
CA ILE C 225 -15.41 23.11 37.51
C ILE C 225 -15.86 24.54 37.24
N GLN C 226 -15.57 25.06 36.05
CA GLN C 226 -15.95 26.42 35.74
C GLN C 226 -17.46 26.55 35.56
N ASP C 227 -18.14 25.46 35.23
CA ASP C 227 -19.60 25.48 35.14
C ASP C 227 -20.26 25.33 36.51
N GLY C 228 -19.52 24.91 37.52
CA GLY C 228 -20.08 24.70 38.84
C GLY C 228 -21.08 23.57 38.90
N GLN C 229 -20.82 22.47 38.19
CA GLN C 229 -21.73 21.34 38.15
C GLN C 229 -21.62 20.50 39.41
N ASN C 230 -22.59 19.60 39.58
CA ASN C 230 -22.58 18.69 40.72
C ASN C 230 -21.44 17.68 40.56
N PRO C 231 -20.88 17.19 41.68
CA PRO C 231 -19.77 16.23 41.58
C PRO C 231 -20.19 14.88 41.04
N ARG C 232 -21.40 14.41 41.32
CA ARG C 232 -21.78 13.05 40.94
C ARG C 232 -22.04 12.93 39.44
N VAL C 233 -22.71 13.91 38.84
CA VAL C 233 -22.97 13.86 37.41
C VAL C 233 -21.67 13.91 36.62
N ILE C 234 -20.76 14.81 36.99
CA ILE C 234 -19.48 14.86 36.31
C ILE C 234 -18.64 13.63 36.63
N ASP C 235 -18.87 13.02 37.79
CA ASP C 235 -18.17 11.77 38.11
C ASP C 235 -18.59 10.66 37.16
N SER C 236 -19.90 10.53 36.93
CA SER C 236 -20.38 9.55 35.95
C SER C 236 -19.88 9.88 34.55
N TYR C 237 -19.87 11.16 34.20
CA TYR C 237 -19.39 11.58 32.89
C TYR C 237 -17.91 11.21 32.69
N LEU C 238 -17.10 11.38 33.73
CA LEU C 238 -15.67 11.06 33.61
C LEU C 238 -15.44 9.55 33.64
N LYS C 239 -16.18 8.81 34.46
CA LYS C 239 -16.07 7.36 34.45
C LYS C 239 -16.56 6.77 33.14
N ASN C 240 -17.37 7.50 32.38
CA ASN C 240 -17.72 7.07 31.03
C ASN C 240 -16.50 7.01 30.11
N TYR C 241 -15.43 7.72 30.46
CA TYR C 241 -14.20 7.71 29.67
C TYR C 241 -13.29 6.54 29.99
N LEU C 242 -13.59 5.78 31.05
CA LEU C 242 -12.77 4.63 31.43
C LEU C 242 -12.93 3.45 30.48
N ASN C 243 -13.82 3.54 29.50
CA ASN C 243 -14.06 2.49 28.52
C ASN C 243 -13.68 2.94 27.11
N GLU C 244 -12.50 3.54 26.98
CA GLU C 244 -12.07 4.08 25.71
C GLU C 244 -11.65 2.95 24.77
N GLY C 245 -11.07 3.32 23.63
CA GLY C 245 -10.82 2.39 22.55
C GLY C 245 -9.62 1.48 22.73
N LYS C 246 -9.05 1.43 23.93
CA LYS C 246 -7.94 0.51 24.17
C LYS C 246 -8.01 -0.25 25.49
N ARG C 247 -8.84 0.15 26.44
CA ARG C 247 -8.87 -0.49 27.75
C ARG C 247 -10.23 -1.11 28.07
N ALA C 248 -10.96 -1.59 27.06
CA ALA C 248 -12.22 -2.25 27.33
C ALA C 248 -12.05 -3.72 27.69
N LEU C 249 -10.81 -4.24 27.64
CA LEU C 249 -10.58 -5.66 27.81
C LEU C 249 -10.32 -6.03 29.27
N GLU C 250 -9.76 -5.11 30.06
CA GLU C 250 -9.48 -5.40 31.46
C GLU C 250 -10.75 -5.56 32.29
N ILE C 251 -11.91 -5.21 31.75
CA ILE C 251 -13.18 -5.42 32.44
C ILE C 251 -13.45 -6.91 32.62
N ILE D 26 6.82 -35.34 13.50
CA ILE D 26 8.16 -35.88 13.51
C ILE D 26 9.11 -34.90 14.22
N GLY D 27 10.19 -35.43 14.78
CA GLY D 27 11.18 -34.57 15.41
C GLY D 27 11.88 -33.64 14.45
N MET D 28 11.84 -33.96 13.15
CA MET D 28 12.39 -33.05 12.14
C MET D 28 11.60 -31.76 12.03
N PHE D 29 10.36 -31.74 12.51
CA PHE D 29 9.50 -30.57 12.45
C PHE D 29 9.30 -29.94 13.83
N VAL D 30 9.98 -30.43 14.86
CA VAL D 30 9.88 -29.90 16.21
C VAL D 30 11.25 -29.42 16.64
N ASP D 31 11.32 -28.16 17.08
CA ASP D 31 12.59 -27.57 17.51
C ASP D 31 12.30 -26.61 18.65
N VAL D 32 12.92 -26.86 19.80
CA VAL D 32 12.62 -26.08 21.00
C VAL D 32 13.08 -24.63 20.83
N THR D 33 14.33 -24.44 20.39
CA THR D 33 14.87 -23.08 20.32
C THR D 33 14.20 -22.27 19.22
N SER D 34 13.79 -22.94 18.13
CA SER D 34 13.14 -22.23 17.03
C SER D 34 11.81 -21.63 17.48
N ILE D 35 10.94 -22.46 18.06
CA ILE D 35 9.68 -21.94 18.58
C ILE D 35 9.94 -20.96 19.71
N LEU D 36 11.03 -21.17 20.46
CA LEU D 36 11.39 -20.21 21.50
C LEU D 36 11.60 -18.83 20.93
N ILE D 37 12.45 -18.70 19.91
CA ILE D 37 12.65 -17.40 19.27
C ILE D 37 11.33 -16.86 18.76
N VAL D 38 10.54 -17.70 18.07
CA VAL D 38 9.30 -17.22 17.47
C VAL D 38 8.39 -16.59 18.52
N VAL D 39 7.97 -17.39 19.51
CA VAL D 39 6.95 -16.89 20.44
C VAL D 39 7.54 -15.82 21.35
N GLY D 40 8.78 -15.99 21.79
CA GLY D 40 9.37 -14.97 22.65
C GLY D 40 9.47 -13.61 21.98
N GLY D 41 9.96 -13.57 20.74
CA GLY D 41 10.00 -12.30 20.03
C GLY D 41 8.62 -11.73 19.79
N SER D 42 7.68 -12.58 19.38
CA SER D 42 6.33 -12.09 19.11
C SER D 42 5.70 -11.49 20.37
N ILE D 43 5.83 -12.21 21.50
CA ILE D 43 5.25 -11.74 22.75
C ILE D 43 5.93 -10.46 23.21
N PHE D 44 7.26 -10.40 23.10
CA PHE D 44 7.98 -9.20 23.53
C PHE D 44 7.54 -7.99 22.72
N VAL D 45 7.37 -8.16 21.40
CA VAL D 45 6.96 -7.02 20.57
C VAL D 45 5.52 -6.63 20.88
N VAL D 46 4.65 -7.60 21.10
CA VAL D 46 3.24 -7.28 21.34
C VAL D 46 3.05 -6.61 22.70
N LEU D 47 3.79 -7.06 23.72
CA LEU D 47 3.55 -6.57 25.08
C LEU D 47 3.88 -5.10 25.26
N MET D 48 4.61 -4.48 24.32
CA MET D 48 4.90 -3.06 24.46
C MET D 48 3.82 -2.19 23.82
N LYS D 49 2.82 -2.80 23.18
CA LYS D 49 1.63 -2.08 22.75
C LYS D 49 0.35 -2.62 23.38
N PHE D 50 0.44 -3.64 24.22
CA PHE D 50 -0.72 -4.16 24.94
C PHE D 50 -0.24 -4.71 26.29
N THR D 51 -1.01 -4.42 27.34
CA THR D 51 -0.67 -4.92 28.66
C THR D 51 -0.97 -6.41 28.75
N MET D 52 -0.45 -7.04 29.81
CA MET D 52 -0.72 -8.45 30.04
C MET D 52 -2.21 -8.69 30.28
N GLY D 53 -2.86 -7.80 31.03
CA GLY D 53 -4.29 -7.93 31.23
C GLY D 53 -5.07 -7.78 29.95
N GLN D 54 -4.63 -6.87 29.07
CA GLN D 54 -5.26 -6.71 27.77
C GLN D 54 -5.14 -7.98 26.94
N PHE D 55 -3.94 -8.58 26.92
CA PHE D 55 -3.75 -9.82 26.18
C PHE D 55 -4.61 -10.95 26.75
N PHE D 56 -4.73 -11.03 28.07
CA PHE D 56 -5.55 -12.08 28.67
C PHE D 56 -7.02 -11.86 28.36
N GLY D 57 -7.49 -10.61 28.39
CA GLY D 57 -8.84 -10.33 27.97
C GLY D 57 -9.08 -10.68 26.51
N ALA D 58 -8.09 -10.42 25.66
CA ALA D 58 -8.23 -10.74 24.24
C ALA D 58 -8.32 -12.25 24.02
N THR D 59 -7.49 -13.04 24.72
CA THR D 59 -7.55 -14.48 24.51
C THR D 59 -8.80 -15.07 25.14
N LYS D 60 -9.30 -14.48 26.23
CA LYS D 60 -10.59 -14.89 26.77
C LYS D 60 -11.71 -14.62 25.79
N ILE D 61 -11.68 -13.46 25.13
CA ILE D 61 -12.67 -13.14 24.11
C ILE D 61 -12.60 -14.13 22.96
N ALA D 62 -11.38 -14.46 22.52
CA ALA D 62 -11.22 -15.41 21.44
C ALA D 62 -11.76 -16.78 21.82
N GLY D 63 -11.46 -17.24 23.04
CA GLY D 63 -11.97 -18.53 23.48
C GLY D 63 -13.49 -18.54 23.58
N LYS D 64 -14.07 -17.45 24.07
CA LYS D 64 -15.53 -17.35 24.16
C LYS D 64 -16.15 -17.35 22.76
N ALA D 65 -15.53 -16.66 21.81
CA ALA D 65 -16.05 -16.63 20.46
C ALA D 65 -15.92 -17.98 19.76
N PHE D 66 -14.88 -18.75 20.09
CA PHE D 66 -14.68 -20.05 19.46
C PHE D 66 -15.56 -21.14 20.05
N MET D 67 -15.61 -21.24 21.39
CA MET D 67 -16.30 -22.35 22.03
C MET D 67 -17.78 -22.09 22.27
N PHE D 68 -18.24 -20.86 22.05
CA PHE D 68 -19.66 -20.53 22.14
C PHE D 68 -20.16 -20.03 20.79
N LYS D 69 -21.34 -20.52 20.40
CA LYS D 69 -21.97 -20.15 19.14
C LYS D 69 -22.94 -19.00 19.37
N ALA D 70 -22.84 -17.97 18.53
CA ALA D 70 -23.74 -16.83 18.62
C ALA D 70 -25.17 -17.28 18.37
N ASP D 71 -26.09 -16.77 19.19
CA ASP D 71 -27.49 -17.15 19.08
C ASP D 71 -28.08 -16.69 17.75
N GLU D 72 -28.97 -17.50 17.19
CA GLU D 72 -29.56 -17.19 15.89
C GLU D 72 -30.50 -16.00 16.03
N PRO D 73 -30.44 -15.03 15.11
CA PRO D 73 -31.37 -13.89 15.19
C PRO D 73 -32.83 -14.29 15.12
N GLU D 74 -33.15 -15.33 14.33
CA GLU D 74 -34.54 -15.79 14.25
C GLU D 74 -35.03 -16.32 15.59
N ASP D 75 -34.20 -17.09 16.28
CA ASP D 75 -34.57 -17.58 17.60
C ASP D 75 -34.73 -16.44 18.59
N LEU D 76 -33.87 -15.42 18.50
CA LEU D 76 -34.00 -14.25 19.36
C LEU D 76 -35.32 -13.53 19.09
N ILE D 77 -35.69 -13.37 17.82
CA ILE D 77 -36.95 -12.71 17.49
C ILE D 77 -38.12 -13.52 18.02
N ALA D 78 -38.08 -14.84 17.86
CA ALA D 78 -39.15 -15.69 18.36
C ALA D 78 -39.28 -15.60 19.88
N LYS D 79 -38.15 -15.60 20.59
CA LYS D 79 -38.21 -15.49 22.03
C LYS D 79 -38.72 -14.11 22.46
N ILE D 80 -38.35 -13.08 21.70
CA ILE D 80 -38.82 -11.73 22.00
C ILE D 80 -40.33 -11.64 21.87
N VAL D 81 -40.88 -12.16 20.77
CA VAL D 81 -42.34 -12.10 20.63
C VAL D 81 -43.03 -13.01 21.62
N GLU D 82 -42.40 -14.13 22.01
CA GLU D 82 -42.98 -14.98 23.04
C GLU D 82 -43.04 -14.27 24.39
N MET D 83 -42.00 -13.49 24.73
CA MET D 83 -42.00 -12.73 25.96
C MET D 83 -42.91 -11.51 25.91
N ALA D 84 -43.16 -10.96 24.72
CA ALA D 84 -43.89 -9.70 24.61
C ALA D 84 -45.31 -9.83 25.13
N ASP D 85 -46.03 -10.88 24.71
CA ASP D 85 -47.44 -11.01 25.09
C ASP D 85 -47.60 -11.44 26.55
N ALA D 86 -46.60 -12.11 27.11
CA ALA D 86 -46.71 -12.56 28.50
C ALA D 86 -46.83 -11.40 29.47
N ALA D 87 -46.03 -10.35 29.26
CA ALA D 87 -46.07 -9.18 30.13
C ALA D 87 -47.30 -8.33 29.86
N ILE D 100 -35.15 -18.32 29.08
CA ILE D 100 -34.21 -17.26 29.45
C ILE D 100 -32.77 -17.78 29.36
N ASN D 101 -32.11 -17.51 28.25
CA ASN D 101 -30.75 -17.98 27.99
C ASN D 101 -29.81 -16.87 27.57
N ASN D 102 -30.31 -15.65 27.36
CA ASN D 102 -29.48 -14.56 26.88
C ASN D 102 -29.22 -13.60 28.04
N THR D 103 -27.94 -13.23 28.23
CA THR D 103 -27.58 -12.35 29.32
C THR D 103 -27.96 -10.90 29.03
N PHE D 104 -27.87 -10.47 27.76
CA PHE D 104 -28.28 -9.12 27.41
C PHE D 104 -29.76 -8.92 27.69
N MET D 105 -30.59 -9.85 27.23
CA MET D 105 -32.02 -9.77 27.53
C MET D 105 -32.30 -10.00 29.01
N GLN D 106 -31.45 -10.76 29.72
CA GLN D 106 -31.60 -10.89 31.16
C GLN D 106 -31.46 -9.54 31.85
N LYS D 107 -30.37 -8.81 31.55
CA LYS D 107 -30.20 -7.51 32.18
C LYS D 107 -31.24 -6.51 31.67
N GLY D 108 -31.69 -6.66 30.43
CA GLY D 108 -32.74 -5.78 29.92
C GLY D 108 -34.04 -5.95 30.66
N ILE D 109 -34.48 -7.20 30.88
CA ILE D 109 -35.71 -7.43 31.60
C ILE D 109 -35.56 -7.08 33.07
N ASP D 110 -34.36 -7.26 33.64
CA ASP D 110 -34.13 -6.83 35.02
C ASP D 110 -34.28 -5.32 35.14
N LEU D 111 -33.71 -4.57 34.21
CA LEU D 111 -33.82 -3.12 34.23
C LEU D 111 -35.27 -2.68 33.98
N LEU D 112 -35.98 -3.39 33.11
CA LEU D 112 -37.38 -3.06 32.86
C LEU D 112 -38.22 -3.31 34.11
N VAL D 113 -37.95 -4.40 34.83
CA VAL D 113 -38.63 -4.64 36.10
C VAL D 113 -38.28 -3.53 37.09
N ASP D 114 -37.04 -3.04 37.06
CA ASP D 114 -36.67 -1.88 37.86
C ASP D 114 -37.44 -0.64 37.45
N GLY D 115 -38.04 -0.63 36.26
CA GLY D 115 -38.87 0.47 35.82
C GLY D 115 -38.13 1.77 35.58
N HIS D 116 -36.96 1.72 34.94
CA HIS D 116 -36.22 2.92 34.63
C HIS D 116 -36.84 3.64 33.43
N ASP D 117 -36.50 4.92 33.29
CA ASP D 117 -36.99 5.71 32.18
C ASP D 117 -36.40 5.20 30.86
N ALA D 118 -37.14 5.45 29.77
CA ALA D 118 -36.74 4.94 28.46
C ALA D 118 -35.36 5.48 28.06
N ASP D 119 -35.04 6.70 28.47
CA ASP D 119 -33.72 7.25 28.19
C ASP D 119 -32.65 6.42 28.88
N VAL D 120 -32.90 5.99 30.12
CA VAL D 120 -31.95 5.14 30.83
C VAL D 120 -31.76 3.81 30.10
N VAL D 121 -32.87 3.22 29.64
CA VAL D 121 -32.78 1.96 28.89
C VAL D 121 -31.92 2.13 27.66
N ARG D 122 -32.21 3.17 26.86
CA ARG D 122 -31.48 3.38 25.63
C ARG D 122 -30.00 3.62 25.91
N ALA D 123 -29.69 4.45 26.91
CA ALA D 123 -28.29 4.75 27.22
C ALA D 123 -27.56 3.49 27.68
N ALA D 124 -28.19 2.69 28.54
CA ALA D 124 -27.53 1.49 29.06
C ALA D 124 -27.25 0.49 27.94
N LEU D 125 -28.26 0.22 27.10
CA LEU D 125 -28.06 -0.74 26.02
C LEU D 125 -27.05 -0.23 24.99
N LYS D 126 -27.09 1.07 24.68
CA LYS D 126 -26.12 1.64 23.75
C LYS D 126 -24.70 1.53 24.29
N LYS D 127 -24.51 1.83 25.58
CA LYS D 127 -23.18 1.75 26.16
C LYS D 127 -22.68 0.31 26.23
N ASP D 128 -23.57 -0.63 26.51
CA ASP D 128 -23.18 -2.04 26.50
C ASP D 128 -22.78 -2.48 25.09
N ILE D 129 -23.55 -2.06 24.09
CA ILE D 129 -23.24 -2.42 22.70
C ILE D 129 -21.88 -1.86 22.30
N ALA D 130 -21.65 -0.58 22.62
CA ALA D 130 -20.38 0.04 22.27
C ALA D 130 -19.22 -0.62 22.99
N LEU D 131 -19.40 -0.97 24.26
CA LEU D 131 -18.35 -1.64 25.01
C LEU D 131 -18.00 -2.98 24.40
N THR D 132 -19.02 -3.78 24.05
CA THR D 132 -18.75 -5.08 23.45
C THR D 132 -18.08 -4.94 22.09
N ASP D 133 -18.52 -3.96 21.28
CA ASP D 133 -17.89 -3.72 19.99
C ASP D 133 -16.43 -3.34 20.16
N GLU D 134 -16.13 -2.48 21.13
CA GLU D 134 -14.75 -2.08 21.37
C GLU D 134 -13.90 -3.25 21.84
N ARG D 135 -14.46 -4.10 22.71
CA ARG D 135 -13.71 -5.27 23.18
C ARG D 135 -13.36 -6.19 22.01
N HIS D 136 -14.34 -6.44 21.13
CA HIS D 136 -14.08 -7.32 19.99
C HIS D 136 -13.09 -6.70 19.02
N THR D 137 -13.21 -5.39 18.76
CA THR D 137 -12.28 -4.73 17.85
C THR D 137 -10.86 -4.75 18.40
N GLN D 138 -10.69 -4.54 19.70
CA GLN D 138 -9.36 -4.55 20.26
C GLN D 138 -8.79 -5.96 20.36
N GLY D 139 -9.62 -6.98 20.58
CA GLY D 139 -9.13 -8.35 20.47
C GLY D 139 -8.66 -8.67 19.06
N THR D 140 -9.42 -8.23 18.06
CA THR D 140 -8.97 -8.37 16.67
C THR D 140 -7.64 -7.66 16.45
N GLY D 141 -7.49 -6.45 17.00
CA GLY D 141 -6.23 -5.75 16.87
C GLY D 141 -5.07 -6.48 17.53
N VAL D 142 -5.30 -7.05 18.70
CA VAL D 142 -4.25 -7.80 19.40
C VAL D 142 -3.79 -8.98 18.56
N PHE D 143 -4.75 -9.76 18.05
CA PHE D 143 -4.37 -10.95 17.29
C PHE D 143 -3.77 -10.58 15.93
N ARG D 144 -4.21 -9.46 15.34
CA ARG D 144 -3.57 -9.02 14.10
C ARG D 144 -2.15 -8.55 14.34
N ALA D 145 -1.90 -7.90 15.49
CA ALA D 145 -0.52 -7.54 15.83
C ALA D 145 0.34 -8.78 16.01
N PHE D 146 -0.22 -9.81 16.67
CA PHE D 146 0.49 -11.07 16.81
C PHE D 146 0.82 -11.68 15.45
N GLY D 147 -0.17 -11.68 14.55
CA GLY D 147 0.04 -12.26 13.23
C GLY D 147 1.04 -11.49 12.39
N ASP D 148 1.03 -10.17 12.48
CA ASP D 148 2.02 -9.35 11.79
C ASP D 148 3.43 -9.57 12.35
N VAL D 149 3.56 -9.72 13.66
CA VAL D 149 4.89 -9.82 14.26
C VAL D 149 5.50 -11.21 14.11
N ALA D 150 4.68 -12.27 14.09
CA ALA D 150 5.21 -13.63 14.06
C ALA D 150 6.18 -13.91 12.91
N PRO D 151 5.87 -13.59 11.65
CA PRO D 151 6.81 -13.98 10.58
C PRO D 151 8.08 -13.16 10.54
N ALA D 152 8.05 -11.93 11.05
CA ALA D 152 9.30 -11.19 11.21
C ALA D 152 10.23 -11.88 12.21
N MET D 153 9.65 -12.40 13.31
CA MET D 153 10.44 -13.19 14.24
C MET D 153 10.94 -14.48 13.60
N GLY D 154 10.11 -15.09 12.75
CA GLY D 154 10.58 -16.25 11.99
C GLY D 154 11.76 -15.92 11.11
N MET D 155 11.71 -14.78 10.43
CA MET D 155 12.84 -14.37 9.58
C MET D 155 14.09 -14.09 10.41
N ILE D 156 13.92 -13.47 11.59
CA ILE D 156 15.07 -13.23 12.45
C ILE D 156 15.68 -14.55 12.92
N GLY D 157 14.83 -15.51 13.29
CA GLY D 157 15.32 -16.80 13.71
C GLY D 157 16.03 -17.56 12.60
N THR D 158 15.50 -17.48 11.38
CA THR D 158 16.17 -18.16 10.27
C THR D 158 17.46 -17.45 9.90
N LEU D 159 17.55 -16.14 10.11
CA LEU D 159 18.82 -15.44 9.95
C LEU D 159 19.84 -15.94 10.96
N VAL D 160 19.43 -16.10 12.21
CA VAL D 160 20.33 -16.63 13.23
C VAL D 160 20.78 -18.04 12.86
N GLY D 161 19.84 -18.87 12.41
CA GLY D 161 20.19 -20.23 12.01
C GLY D 161 21.15 -20.26 10.83
N LEU D 162 20.94 -19.38 9.85
CA LEU D 162 21.84 -19.32 8.70
C LEU D 162 23.24 -18.88 9.11
N VAL D 163 23.34 -17.89 10.00
CA VAL D 163 24.66 -17.48 10.47
C VAL D 163 25.34 -18.60 11.23
N ALA D 164 24.59 -19.32 12.07
CA ALA D 164 25.18 -20.42 12.83
C ALA D 164 25.59 -21.56 11.91
N MET D 165 24.87 -21.75 10.81
CA MET D 165 25.23 -22.79 9.84
C MET D 165 26.51 -22.41 9.09
N LEU D 166 26.58 -21.17 8.61
CA LEU D 166 27.75 -20.75 7.84
C LEU D 166 28.99 -20.61 8.72
N SER D 167 28.82 -20.32 10.01
CA SER D 167 29.97 -20.21 10.91
C SER D 167 30.68 -21.53 11.12
N ASN D 168 29.99 -22.66 10.93
CA ASN D 168 30.58 -23.97 11.12
C ASN D 168 30.53 -24.78 9.84
N MET D 169 30.85 -24.17 8.72
CA MET D 169 30.79 -24.81 7.41
C MET D 169 32.19 -24.78 6.78
N ASP D 170 32.84 -25.94 6.75
CA ASP D 170 34.08 -26.09 6.01
C ASP D 170 33.83 -26.60 4.59
N ASP D 171 32.92 -27.56 4.45
CA ASP D 171 32.42 -28.05 3.18
C ASP D 171 30.91 -28.23 3.28
N PRO D 172 30.18 -28.05 2.18
CA PRO D 172 28.71 -28.08 2.22
C PRO D 172 28.12 -29.49 2.14
N LYS D 173 28.63 -30.39 2.98
CA LYS D 173 28.11 -31.75 3.04
C LYS D 173 27.08 -31.92 4.16
N ALA D 174 27.45 -31.60 5.40
CA ALA D 174 26.53 -31.72 6.53
C ALA D 174 25.91 -30.37 6.88
N ILE D 175 25.16 -29.83 5.92
CA ILE D 175 24.41 -28.59 6.11
C ILE D 175 22.92 -28.78 5.87
N GLY D 176 22.46 -30.02 5.73
CA GLY D 176 21.07 -30.30 5.52
C GLY D 176 20.20 -29.91 6.70
N PRO D 177 20.35 -30.61 7.82
CA PRO D 177 19.59 -30.22 9.02
C PRO D 177 19.94 -28.83 9.54
N ALA D 178 21.18 -28.38 9.34
CA ALA D 178 21.59 -27.08 9.87
C ALA D 178 20.83 -25.95 9.19
N MET D 179 20.35 -26.17 7.97
CA MET D 179 19.47 -25.20 7.32
C MET D 179 18.02 -25.59 7.45
N ALA D 180 17.74 -26.88 7.68
CA ALA D 180 16.37 -27.33 7.93
C ALA D 180 15.82 -26.69 9.19
N VAL D 181 16.67 -26.47 10.19
CA VAL D 181 16.21 -25.82 11.42
C VAL D 181 15.82 -24.37 11.16
N ALA D 182 16.60 -23.65 10.35
CA ALA D 182 16.26 -22.27 10.03
C ALA D 182 14.98 -22.20 9.21
N LEU D 183 14.85 -23.06 8.20
CA LEU D 183 13.61 -23.12 7.45
C LEU D 183 12.45 -23.55 8.32
N LEU D 184 12.72 -24.33 9.37
CA LEU D 184 11.70 -24.68 10.35
C LEU D 184 11.23 -23.45 11.11
N THR D 185 12.16 -22.57 11.49
CA THR D 185 11.78 -21.33 12.15
C THR D 185 10.90 -20.49 11.25
N THR D 186 11.28 -20.37 9.97
CA THR D 186 10.46 -19.62 9.02
C THR D 186 9.09 -20.26 8.85
N LEU D 187 9.03 -21.59 8.79
CA LEU D 187 7.75 -22.29 8.64
C LEU D 187 6.87 -22.09 9.86
N TYR D 188 7.47 -22.11 11.05
CA TYR D 188 6.71 -21.81 12.27
C TYR D 188 6.11 -20.41 12.19
N GLY D 189 6.92 -19.43 11.80
CA GLY D 189 6.40 -18.08 11.67
C GLY D 189 5.23 -18.01 10.69
N ALA D 190 5.40 -18.62 9.52
CA ALA D 190 4.36 -18.58 8.50
C ALA D 190 3.09 -19.28 8.96
N ILE D 191 3.22 -20.45 9.59
CA ILE D 191 2.06 -21.20 10.05
C ILE D 191 1.32 -20.41 11.13
N LEU D 192 2.05 -19.90 12.12
CA LEU D 192 1.39 -19.17 13.20
C LEU D 192 0.79 -17.87 12.70
N SER D 193 1.34 -17.29 11.65
CA SER D 193 0.78 -16.04 11.13
C SER D 193 -0.47 -16.28 10.29
N ASN D 194 -0.45 -17.32 9.45
CA ASN D 194 -1.51 -17.48 8.45
C ASN D 194 -2.63 -18.41 8.89
N MET D 195 -2.35 -19.38 9.76
CA MET D 195 -3.34 -20.39 10.11
C MET D 195 -3.76 -20.37 11.56
N VAL D 196 -3.20 -19.47 12.39
CA VAL D 196 -3.56 -19.43 13.79
C VAL D 196 -4.06 -18.04 14.18
N PHE D 197 -3.21 -17.04 14.03
CA PHE D 197 -3.53 -15.71 14.58
C PHE D 197 -4.46 -14.93 13.66
N PHE D 198 -4.15 -14.89 12.36
CA PHE D 198 -5.04 -14.22 11.42
C PHE D 198 -6.42 -14.86 11.34
N PRO D 199 -6.57 -16.19 11.29
CA PRO D 199 -7.93 -16.76 11.38
C PRO D 199 -8.64 -16.41 12.67
N ILE D 200 -7.92 -16.35 13.78
CA ILE D 200 -8.55 -15.95 15.05
C ILE D 200 -9.06 -14.52 14.96
N ALA D 201 -8.26 -13.62 14.38
CA ALA D 201 -8.71 -12.24 14.22
C ALA D 201 -9.93 -12.15 13.31
N ASP D 202 -9.93 -12.91 12.21
CA ASP D 202 -11.09 -12.91 11.31
C ASP D 202 -12.34 -13.45 12.02
N LYS D 203 -12.18 -14.52 12.80
CA LYS D 203 -13.31 -15.06 13.54
C LYS D 203 -13.81 -14.07 14.58
N LEU D 204 -12.89 -13.33 15.21
CA LEU D 204 -13.29 -12.30 16.16
C LEU D 204 -14.08 -11.19 15.48
N SER D 205 -13.66 -10.78 14.29
CA SER D 205 -14.41 -9.76 13.55
C SER D 205 -15.80 -10.27 13.18
N LEU D 206 -15.90 -11.52 12.72
CA LEU D 206 -17.19 -12.10 12.37
C LEU D 206 -18.10 -12.18 13.60
N ARG D 207 -17.54 -12.61 14.74
CA ARG D 207 -18.31 -12.69 15.97
C ARG D 207 -18.73 -11.30 16.42
N ARG D 208 -17.89 -10.29 16.19
CA ARG D 208 -18.25 -8.92 16.50
C ARG D 208 -19.46 -8.47 15.68
N ASP D 209 -19.46 -8.78 14.38
CA ASP D 209 -20.58 -8.41 13.54
C ASP D 209 -21.86 -9.09 14.01
N GLN D 210 -21.78 -10.40 14.29
CA GLN D 210 -22.95 -11.14 14.74
C GLN D 210 -23.46 -10.61 16.08
N GLU D 211 -22.55 -10.32 17.02
CA GLU D 211 -22.93 -9.79 18.31
C GLU D 211 -23.56 -8.41 18.18
N THR D 212 -23.01 -7.56 17.32
CA THR D 212 -23.61 -6.24 17.11
C THR D 212 -25.02 -6.36 16.58
N LEU D 213 -25.24 -7.23 15.58
CA LEU D 213 -26.58 -7.41 15.04
C LEU D 213 -27.53 -7.92 16.12
N ASN D 214 -27.10 -8.93 16.88
CA ASN D 214 -27.96 -9.50 17.90
C ASN D 214 -28.28 -8.49 19.00
N ARG D 215 -27.27 -7.74 19.46
CA ARG D 215 -27.49 -6.73 20.48
C ARG D 215 -28.47 -5.66 20.00
N ARG D 216 -28.33 -5.22 18.75
CA ARG D 216 -29.27 -4.24 18.22
C ARG D 216 -30.68 -4.82 18.17
N LEU D 217 -30.81 -6.09 17.78
CA LEU D 217 -32.13 -6.72 17.77
C LEU D 217 -32.74 -6.77 19.16
N ILE D 218 -31.97 -7.16 20.17
CA ILE D 218 -32.51 -7.23 21.52
C ILE D 218 -32.83 -5.83 22.04
N MET D 219 -32.03 -4.83 21.67
CA MET D 219 -32.34 -3.46 22.07
C MET D 219 -33.68 -3.01 21.50
N ASP D 220 -33.90 -3.27 20.21
CA ASP D 220 -35.19 -2.92 19.61
C ASP D 220 -36.33 -3.68 20.26
N GLY D 221 -36.11 -4.97 20.56
CA GLY D 221 -37.16 -5.76 21.20
C GLY D 221 -37.51 -5.25 22.59
N VAL D 222 -36.50 -4.89 23.38
CA VAL D 222 -36.75 -4.37 24.72
C VAL D 222 -37.45 -3.02 24.64
N LEU D 223 -37.06 -2.18 23.68
CA LEU D 223 -37.74 -0.90 23.50
C LEU D 223 -39.21 -1.12 23.15
N ALA D 224 -39.49 -2.08 22.27
CA ALA D 224 -40.87 -2.37 21.91
C ALA D 224 -41.66 -2.91 23.09
N ILE D 225 -41.05 -3.80 23.88
CA ILE D 225 -41.74 -4.36 25.04
C ILE D 225 -42.06 -3.27 26.06
N GLN D 226 -41.10 -2.39 26.31
CA GLN D 226 -41.35 -1.26 27.22
C GLN D 226 -42.45 -0.36 26.66
N ASP D 227 -42.47 -0.16 25.34
CA ASP D 227 -43.53 0.61 24.72
C ASP D 227 -44.88 -0.07 24.91
N GLY D 228 -44.91 -1.40 24.85
CA GLY D 228 -46.14 -2.14 25.00
C GLY D 228 -46.89 -2.40 23.72
N GLN D 229 -46.24 -2.25 22.57
CA GLN D 229 -46.91 -2.45 21.29
C GLN D 229 -47.23 -3.93 21.08
N ASN D 230 -48.04 -4.19 20.06
CA ASN D 230 -48.40 -5.55 19.72
C ASN D 230 -47.18 -6.32 19.20
N PRO D 231 -47.18 -7.64 19.35
CA PRO D 231 -46.00 -8.41 18.89
C PRO D 231 -45.89 -8.50 17.37
N ARG D 232 -46.89 -8.00 16.64
CA ARG D 232 -46.89 -8.18 15.18
C ARG D 232 -46.39 -6.96 14.44
N VAL D 233 -46.52 -5.76 15.02
CA VAL D 233 -46.15 -4.55 14.31
C VAL D 233 -44.63 -4.46 14.15
N ILE D 234 -43.88 -4.80 15.20
CA ILE D 234 -42.42 -4.71 15.13
C ILE D 234 -41.85 -5.75 14.16
N ASP D 235 -42.49 -6.92 14.09
CA ASP D 235 -42.01 -7.98 13.20
C ASP D 235 -42.03 -7.58 11.73
N SER D 236 -42.83 -6.56 11.37
CA SER D 236 -42.87 -6.11 9.99
C SER D 236 -41.51 -5.53 9.56
N TYR D 237 -40.87 -4.77 10.44
CA TYR D 237 -39.59 -4.14 10.12
C TYR D 237 -38.40 -4.82 10.79
N LEU D 238 -38.63 -5.85 11.61
CA LEU D 238 -37.52 -6.52 12.29
C LEU D 238 -36.54 -7.15 11.30
N LYS D 239 -37.06 -7.81 10.26
CA LYS D 239 -36.20 -8.50 9.30
C LYS D 239 -35.87 -7.67 8.07
N ASN D 240 -36.17 -6.36 8.08
CA ASN D 240 -35.84 -5.54 6.93
C ASN D 240 -34.33 -5.47 6.69
N TYR D 241 -33.55 -5.44 7.77
CA TYR D 241 -32.10 -5.27 7.68
C TYR D 241 -31.34 -6.48 8.19
N LEU D 242 -31.97 -7.66 8.19
CA LEU D 242 -31.26 -8.86 8.63
C LEU D 242 -30.10 -9.19 7.69
N ASN D 243 -30.31 -9.06 6.39
CA ASN D 243 -29.27 -9.34 5.40
C ASN D 243 -28.43 -8.08 5.18
N GLU D 244 -27.85 -7.60 6.29
CA GLU D 244 -27.06 -6.38 6.29
C GLU D 244 -25.58 -6.71 6.10
N GLY D 245 -25.02 -6.25 4.99
CA GLY D 245 -23.61 -6.43 4.73
C GLY D 245 -23.23 -7.84 4.34
N LYS D 246 -22.55 -8.54 5.25
CA LYS D 246 -22.06 -9.89 4.96
C LYS D 246 -23.20 -10.81 4.51
N ARG D 247 -24.34 -10.75 5.19
CA ARG D 247 -25.47 -11.62 4.88
C ARG D 247 -26.16 -11.25 3.57
N ALA D 248 -25.62 -10.30 2.80
CA ALA D 248 -26.26 -9.93 1.54
C ALA D 248 -26.08 -10.99 0.46
N LEU D 249 -25.13 -11.90 0.63
CA LEU D 249 -24.92 -12.96 -0.36
C LEU D 249 -25.91 -14.10 -0.22
N GLU D 250 -26.49 -14.29 0.98
CA GLU D 250 -27.37 -15.41 1.20
C GLU D 250 -28.64 -15.31 0.36
N ILE D 251 -29.18 -14.10 0.22
CA ILE D 251 -30.37 -13.90 -0.60
C ILE D 251 -30.00 -13.80 -2.07
N ILE E 26 2.81 -42.99 -5.49
CA ILE E 26 3.54 -41.86 -4.94
C ILE E 26 3.38 -40.65 -5.86
N GLY E 27 3.41 -40.89 -7.17
CA GLY E 27 3.22 -39.80 -8.12
C GLY E 27 1.87 -39.12 -7.96
N MET E 28 0.82 -39.91 -7.77
CA MET E 28 -0.49 -39.34 -7.46
C MET E 28 -0.56 -38.80 -6.05
N PHE E 29 0.17 -39.42 -5.12
CA PHE E 29 0.15 -38.97 -3.73
C PHE E 29 0.74 -37.57 -3.59
N VAL E 30 1.78 -37.26 -4.37
CA VAL E 30 2.38 -35.93 -4.30
C VAL E 30 1.40 -34.87 -4.77
N ASP E 31 0.72 -35.13 -5.88
CA ASP E 31 -0.29 -34.19 -6.37
C ASP E 31 -1.42 -34.04 -5.37
N VAL E 32 -1.85 -35.15 -4.77
CA VAL E 32 -2.92 -35.10 -3.78
C VAL E 32 -2.49 -34.27 -2.59
N THR E 33 -1.26 -34.46 -2.11
CA THR E 33 -0.77 -33.71 -0.96
C THR E 33 -0.67 -32.22 -1.27
N SER E 34 -0.16 -31.86 -2.46
CA SER E 34 -0.03 -30.45 -2.80
C SER E 34 -1.40 -29.78 -2.93
N ILE E 35 -2.33 -30.45 -3.63
CA ILE E 35 -3.67 -29.91 -3.78
C ILE E 35 -4.34 -29.79 -2.41
N LEU E 36 -4.19 -30.81 -1.57
CA LEU E 36 -4.76 -30.76 -0.23
C LEU E 36 -4.21 -29.57 0.54
N ILE E 37 -2.89 -29.41 0.59
CA ILE E 37 -2.29 -28.30 1.31
C ILE E 37 -2.88 -26.98 0.84
N VAL E 38 -2.72 -26.68 -0.45
CA VAL E 38 -3.10 -25.36 -0.95
C VAL E 38 -4.60 -25.12 -0.78
N VAL E 39 -5.42 -26.04 -1.28
CA VAL E 39 -6.85 -25.81 -1.33
C VAL E 39 -7.46 -25.86 0.07
N GLY E 40 -7.05 -26.83 0.89
CA GLY E 40 -7.56 -26.89 2.25
C GLY E 40 -7.18 -25.68 3.08
N GLY E 41 -5.93 -25.23 2.97
CA GLY E 41 -5.53 -24.04 3.69
C GLY E 41 -6.33 -22.82 3.26
N SER E 42 -6.48 -22.63 1.94
CA SER E 42 -7.26 -21.50 1.45
C SER E 42 -8.70 -21.57 1.92
N ILE E 43 -9.32 -22.75 1.82
CA ILE E 43 -10.71 -22.89 2.23
C ILE E 43 -10.88 -22.65 3.71
N PHE E 44 -9.98 -23.20 4.54
CA PHE E 44 -10.08 -23.01 5.97
C PHE E 44 -9.94 -21.54 6.34
N VAL E 45 -8.96 -20.84 5.78
CA VAL E 45 -8.76 -19.44 6.14
C VAL E 45 -9.91 -18.58 5.65
N VAL E 46 -10.44 -18.87 4.46
CA VAL E 46 -11.57 -18.10 3.96
C VAL E 46 -12.82 -18.35 4.78
N LEU E 47 -13.05 -19.61 5.17
CA LEU E 47 -14.22 -19.93 5.99
C LEU E 47 -14.12 -19.31 7.37
N MET E 48 -12.90 -19.16 7.90
CA MET E 48 -12.72 -18.39 9.13
C MET E 48 -13.01 -16.90 8.93
N LYS E 49 -13.07 -16.45 7.68
CA LYS E 49 -13.34 -15.04 7.37
C LYS E 49 -14.76 -14.82 6.87
N PHE E 50 -15.30 -15.75 6.09
CA PHE E 50 -16.62 -15.62 5.49
C PHE E 50 -17.50 -16.79 5.92
N THR E 51 -18.80 -16.51 6.04
CA THR E 51 -19.75 -17.56 6.33
C THR E 51 -19.81 -18.56 5.18
N MET E 52 -20.12 -19.81 5.52
CA MET E 52 -20.16 -20.86 4.51
C MET E 52 -21.25 -20.57 3.47
N GLY E 53 -22.42 -20.14 3.94
CA GLY E 53 -23.46 -19.71 3.01
C GLY E 53 -23.04 -18.52 2.17
N GLN E 54 -22.25 -17.62 2.75
CA GLN E 54 -21.66 -16.53 1.97
C GLN E 54 -20.75 -17.07 0.88
N PHE E 55 -19.97 -18.11 1.19
CA PHE E 55 -19.11 -18.71 0.19
C PHE E 55 -19.91 -19.33 -0.95
N PHE E 56 -21.00 -20.03 -0.62
CA PHE E 56 -21.86 -20.56 -1.69
C PHE E 56 -22.50 -19.44 -2.50
N GLY E 57 -22.94 -18.36 -1.85
CA GLY E 57 -23.50 -17.25 -2.59
C GLY E 57 -22.49 -16.62 -3.54
N ALA E 58 -21.25 -16.47 -3.08
CA ALA E 58 -20.19 -15.95 -3.95
C ALA E 58 -19.95 -16.87 -5.13
N THR E 59 -19.93 -18.19 -4.88
CA THR E 59 -19.76 -19.13 -5.98
C THR E 59 -20.90 -19.01 -6.99
N LYS E 60 -22.14 -18.89 -6.50
CA LYS E 60 -23.28 -18.77 -7.39
C LYS E 60 -23.22 -17.50 -8.24
N ILE E 61 -22.87 -16.36 -7.62
CA ILE E 61 -22.86 -15.12 -8.38
C ILE E 61 -21.71 -15.12 -9.39
N ALA E 62 -20.57 -15.71 -9.01
CA ALA E 62 -19.47 -15.84 -9.97
C ALA E 62 -19.86 -16.73 -11.14
N GLY E 63 -20.54 -17.84 -10.86
CA GLY E 63 -20.99 -18.72 -11.94
C GLY E 63 -21.98 -18.03 -12.86
N LYS E 64 -22.90 -17.26 -12.29
CA LYS E 64 -23.84 -16.50 -13.11
C LYS E 64 -23.12 -15.46 -13.96
N ALA E 65 -22.13 -14.77 -13.39
CA ALA E 65 -21.39 -13.76 -14.14
C ALA E 65 -20.54 -14.37 -15.24
N PHE E 66 -20.07 -15.60 -15.05
CA PHE E 66 -19.23 -16.23 -16.07
C PHE E 66 -20.05 -16.91 -17.17
N MET E 67 -21.10 -17.65 -16.80
CA MET E 67 -21.88 -18.39 -17.78
C MET E 67 -22.79 -17.50 -18.61
N PHE E 68 -23.24 -16.37 -18.07
CA PHE E 68 -24.24 -15.53 -18.71
C PHE E 68 -23.64 -14.21 -19.13
N LYS E 69 -24.09 -13.70 -20.28
CA LYS E 69 -23.60 -12.45 -20.83
C LYS E 69 -24.60 -11.36 -20.45
N ALA E 70 -24.12 -10.32 -19.79
CA ALA E 70 -24.99 -9.25 -19.31
C ALA E 70 -25.65 -8.51 -20.46
N ASP E 71 -26.87 -8.02 -20.21
CA ASP E 71 -27.63 -7.33 -21.24
C ASP E 71 -26.87 -6.12 -21.75
N GLU E 72 -26.64 -6.09 -23.05
CA GLU E 72 -25.92 -4.98 -23.67
C GLU E 72 -26.74 -3.70 -23.55
N PRO E 73 -26.12 -2.57 -23.16
CA PRO E 73 -26.93 -1.38 -22.83
C PRO E 73 -27.80 -0.89 -23.98
N GLU E 74 -27.36 -1.04 -25.22
CA GLU E 74 -28.12 -0.54 -26.36
C GLU E 74 -29.51 -1.16 -26.41
N ASP E 75 -29.63 -2.43 -26.04
CA ASP E 75 -30.93 -3.09 -26.03
C ASP E 75 -31.88 -2.40 -25.06
N LEU E 76 -31.40 -2.07 -23.85
CA LEU E 76 -32.28 -1.44 -22.87
C LEU E 76 -32.57 0.01 -23.22
N ILE E 77 -31.62 0.71 -23.86
CA ILE E 77 -31.97 2.05 -24.35
C ILE E 77 -33.06 1.97 -25.41
N ALA E 78 -32.94 1.01 -26.33
CA ALA E 78 -33.98 0.84 -27.34
C ALA E 78 -35.33 0.51 -26.72
N LYS E 79 -35.33 -0.41 -25.74
CA LYS E 79 -36.58 -0.76 -25.07
C LYS E 79 -37.17 0.43 -24.31
N ILE E 80 -36.31 1.21 -23.65
CA ILE E 80 -36.79 2.35 -22.87
C ILE E 80 -37.41 3.39 -23.78
N VAL E 81 -36.74 3.72 -24.89
CA VAL E 81 -37.32 4.70 -25.80
C VAL E 81 -38.57 4.16 -26.48
N GLU E 82 -38.63 2.84 -26.72
CA GLU E 82 -39.84 2.26 -27.30
C GLU E 82 -41.03 2.41 -26.35
N MET E 83 -40.84 2.04 -25.08
CA MET E 83 -41.93 2.19 -24.11
C MET E 83 -42.23 3.65 -23.83
N ALA E 84 -41.25 4.54 -23.97
CA ALA E 84 -41.50 5.97 -23.77
C ALA E 84 -42.37 6.53 -24.89
N ASP E 85 -42.07 6.16 -26.14
CA ASP E 85 -42.91 6.59 -27.25
C ASP E 85 -44.30 5.94 -27.17
N ALA E 86 -44.36 4.70 -26.67
CA ALA E 86 -45.63 4.03 -26.47
C ALA E 86 -46.42 4.60 -25.30
N ALA E 87 -45.80 5.40 -24.44
CA ALA E 87 -46.49 5.97 -23.29
C ALA E 87 -46.25 7.48 -23.22
N ILE E 100 -40.71 -7.54 -21.80
CA ILE E 100 -39.74 -7.03 -20.83
C ILE E 100 -39.02 -8.18 -20.16
N ASN E 101 -37.92 -8.62 -20.78
CA ASN E 101 -37.18 -9.76 -20.24
C ASN E 101 -36.38 -9.39 -19.00
N ASN E 102 -35.93 -8.14 -18.91
CA ASN E 102 -35.13 -7.72 -17.76
C ASN E 102 -36.00 -7.66 -16.51
N THR E 103 -35.51 -8.26 -15.43
CA THR E 103 -36.29 -8.29 -14.19
C THR E 103 -36.34 -6.92 -13.53
N PHE E 104 -35.23 -6.18 -13.54
CA PHE E 104 -35.24 -4.84 -12.94
C PHE E 104 -36.16 -3.91 -13.72
N MET E 105 -36.17 -4.01 -15.04
CA MET E 105 -37.11 -3.24 -15.84
C MET E 105 -38.55 -3.63 -15.53
N GLN E 106 -38.79 -4.93 -15.31
CA GLN E 106 -40.13 -5.37 -14.93
C GLN E 106 -40.56 -4.78 -13.60
N LYS E 107 -39.66 -4.75 -12.61
CA LYS E 107 -39.98 -4.15 -11.32
C LYS E 107 -40.23 -2.66 -11.46
N GLY E 108 -39.42 -1.97 -12.26
CA GLY E 108 -39.65 -0.56 -12.50
C GLY E 108 -40.98 -0.27 -13.16
N ILE E 109 -41.35 -1.10 -14.15
CA ILE E 109 -42.64 -0.94 -14.82
C ILE E 109 -43.77 -1.18 -13.83
N ASP E 110 -43.64 -2.21 -12.99
CA ASP E 110 -44.68 -2.48 -11.99
C ASP E 110 -44.83 -1.32 -11.02
N LEU E 111 -43.71 -0.74 -10.58
CA LEU E 111 -43.78 0.41 -9.68
C LEU E 111 -44.41 1.62 -10.37
N LEU E 112 -44.06 1.86 -11.64
CA LEU E 112 -44.60 2.99 -12.36
C LEU E 112 -46.11 2.84 -12.58
N VAL E 113 -46.56 1.64 -12.93
CA VAL E 113 -47.98 1.39 -13.15
C VAL E 113 -48.80 1.46 -11.88
N ASP E 114 -48.25 1.00 -10.75
CA ASP E 114 -49.00 0.93 -9.50
C ASP E 114 -49.25 2.32 -8.88
N GLY E 115 -48.90 3.39 -9.57
CA GLY E 115 -49.23 4.73 -9.11
C GLY E 115 -48.55 5.20 -7.85
N HIS E 116 -47.25 4.93 -7.71
CA HIS E 116 -46.45 5.52 -6.64
C HIS E 116 -45.67 6.71 -7.16
N ASP E 117 -45.40 7.65 -6.24
CA ASP E 117 -44.72 8.88 -6.60
C ASP E 117 -43.26 8.61 -6.98
N ALA E 118 -42.59 9.67 -7.44
CA ALA E 118 -41.20 9.52 -7.89
C ALA E 118 -40.28 9.12 -6.75
N ASP E 119 -40.50 9.68 -5.55
CA ASP E 119 -39.59 9.43 -4.44
C ASP E 119 -39.59 7.96 -4.04
N VAL E 120 -40.77 7.34 -3.95
CA VAL E 120 -40.85 5.95 -3.49
C VAL E 120 -40.19 5.02 -4.50
N VAL E 121 -40.49 5.18 -5.79
CA VAL E 121 -39.89 4.34 -6.81
C VAL E 121 -38.38 4.54 -6.85
N ARG E 122 -37.93 5.80 -6.77
CA ARG E 122 -36.50 6.08 -6.77
C ARG E 122 -35.81 5.43 -5.59
N ALA E 123 -36.40 5.53 -4.40
CA ALA E 123 -35.79 4.92 -3.21
C ALA E 123 -35.74 3.41 -3.33
N ALA E 124 -36.82 2.78 -3.80
CA ALA E 124 -36.83 1.32 -3.94
C ALA E 124 -35.80 0.85 -4.95
N LEU E 125 -35.70 1.54 -6.10
CA LEU E 125 -34.76 1.12 -7.13
C LEU E 125 -33.32 1.38 -6.69
N LYS E 126 -33.09 2.47 -5.95
CA LYS E 126 -31.76 2.72 -5.40
C LYS E 126 -31.39 1.67 -4.37
N LYS E 127 -32.37 1.22 -3.57
CA LYS E 127 -32.13 0.14 -2.63
C LYS E 127 -31.74 -1.14 -3.36
N ASP E 128 -32.45 -1.47 -4.44
CA ASP E 128 -32.11 -2.67 -5.21
C ASP E 128 -30.72 -2.54 -5.83
N ILE E 129 -30.39 -1.35 -6.34
CA ILE E 129 -29.07 -1.13 -6.93
C ILE E 129 -27.99 -1.32 -5.87
N ALA E 130 -28.20 -0.76 -4.67
CA ALA E 130 -27.23 -0.92 -3.60
C ALA E 130 -27.11 -2.37 -3.17
N LEU E 131 -28.22 -3.12 -3.18
CA LEU E 131 -28.18 -4.53 -2.82
C LEU E 131 -27.36 -5.33 -3.82
N THR E 132 -27.56 -5.08 -5.12
CA THR E 132 -26.77 -5.76 -6.14
C THR E 132 -25.29 -5.39 -6.04
N ASP E 133 -25.02 -4.11 -5.80
CA ASP E 133 -23.64 -3.68 -5.58
C ASP E 133 -23.02 -4.40 -4.39
N GLU E 134 -23.78 -4.53 -3.30
CA GLU E 134 -23.28 -5.22 -2.11
C GLU E 134 -22.97 -6.68 -2.41
N ARG E 135 -23.88 -7.38 -3.11
CA ARG E 135 -23.63 -8.78 -3.42
C ARG E 135 -22.40 -8.95 -4.28
N HIS E 136 -22.26 -8.14 -5.33
CA HIS E 136 -21.09 -8.27 -6.20
C HIS E 136 -19.81 -7.91 -5.46
N THR E 137 -19.85 -6.90 -4.60
CA THR E 137 -18.67 -6.53 -3.83
C THR E 137 -18.27 -7.63 -2.85
N GLN E 138 -19.26 -8.28 -2.22
CA GLN E 138 -18.93 -9.36 -1.31
C GLN E 138 -18.36 -10.57 -2.04
N GLY E 139 -18.88 -10.88 -3.23
CA GLY E 139 -18.28 -11.94 -4.03
C GLY E 139 -16.86 -11.62 -4.43
N THR E 140 -16.62 -10.38 -4.86
CA THR E 140 -15.27 -9.94 -5.17
C THR E 140 -14.36 -10.07 -3.95
N GLY E 141 -14.86 -9.72 -2.78
CA GLY E 141 -14.07 -9.87 -1.57
C GLY E 141 -13.74 -11.32 -1.24
N VAL E 142 -14.72 -12.22 -1.44
CA VAL E 142 -14.48 -13.64 -1.20
C VAL E 142 -13.36 -14.15 -2.09
N PHE E 143 -13.43 -13.83 -3.39
CA PHE E 143 -12.43 -14.36 -4.29
C PHE E 143 -11.09 -13.65 -4.15
N ARG E 144 -11.09 -12.38 -3.74
CA ARG E 144 -9.84 -11.72 -3.40
C ARG E 144 -9.19 -12.37 -2.18
N ALA E 145 -10.00 -12.75 -1.19
CA ALA E 145 -9.46 -13.47 -0.03
C ALA E 145 -8.86 -14.80 -0.45
N PHE E 146 -9.55 -15.52 -1.34
CA PHE E 146 -9.00 -16.78 -1.86
C PHE E 146 -7.65 -16.54 -2.53
N GLY E 147 -7.58 -15.52 -3.39
CA GLY E 147 -6.35 -15.25 -4.13
C GLY E 147 -5.22 -14.74 -3.24
N ASP E 148 -5.56 -14.10 -2.13
CA ASP E 148 -4.53 -13.68 -1.17
C ASP E 148 -4.04 -14.84 -0.33
N VAL E 149 -4.92 -15.77 0.05
CA VAL E 149 -4.51 -16.85 0.93
C VAL E 149 -3.79 -17.96 0.16
N ALA E 150 -4.10 -18.14 -1.13
CA ALA E 150 -3.48 -19.23 -1.89
C ALA E 150 -1.96 -19.18 -1.90
N PRO E 151 -1.29 -18.06 -2.18
CA PRO E 151 0.18 -18.06 -2.16
C PRO E 151 0.76 -18.27 -0.78
N ALA E 152 0.04 -17.88 0.29
CA ALA E 152 0.53 -18.14 1.63
C ALA E 152 0.61 -19.64 1.91
N MET E 153 -0.42 -20.39 1.54
CA MET E 153 -0.38 -21.83 1.70
C MET E 153 0.62 -22.47 0.75
N GLY E 154 0.81 -21.88 -0.44
CA GLY E 154 1.89 -22.32 -1.29
C GLY E 154 3.24 -22.21 -0.61
N MET E 155 3.47 -21.08 0.06
CA MET E 155 4.73 -20.89 0.79
C MET E 155 4.87 -21.87 1.94
N ILE E 156 3.78 -22.11 2.68
CA ILE E 156 3.83 -23.06 3.78
C ILE E 156 4.18 -24.45 3.28
N GLY E 157 3.53 -24.91 2.20
CA GLY E 157 3.86 -26.20 1.64
C GLY E 157 5.28 -26.25 1.10
N THR E 158 5.74 -25.15 0.50
CA THR E 158 7.11 -25.09 0.00
C THR E 158 8.11 -25.29 1.13
N LEU E 159 7.93 -24.55 2.23
CA LEU E 159 8.83 -24.69 3.37
C LEU E 159 8.75 -26.10 3.96
N VAL E 160 7.55 -26.67 4.04
CA VAL E 160 7.40 -28.03 4.55
C VAL E 160 8.21 -29.00 3.70
N GLY E 161 8.06 -28.91 2.38
CA GLY E 161 8.80 -29.81 1.50
C GLY E 161 10.30 -29.61 1.57
N LEU E 162 10.74 -28.35 1.67
CA LEU E 162 12.18 -28.08 1.76
C LEU E 162 12.77 -28.67 3.03
N VAL E 163 12.11 -28.46 4.18
CA VAL E 163 12.60 -29.04 5.42
C VAL E 163 12.56 -30.57 5.35
N ALA E 164 11.52 -31.12 4.73
CA ALA E 164 11.41 -32.57 4.64
C ALA E 164 12.55 -33.17 3.82
N MET E 165 12.92 -32.51 2.72
CA MET E 165 13.99 -33.06 1.88
C MET E 165 15.36 -32.80 2.50
N LEU E 166 15.51 -31.68 3.22
CA LEU E 166 16.81 -31.39 3.84
C LEU E 166 17.07 -32.30 5.03
N SER E 167 16.03 -32.62 5.81
CA SER E 167 16.23 -33.52 6.94
C SER E 167 16.53 -34.94 6.49
N ASN E 168 15.74 -35.46 5.55
CA ASN E 168 15.98 -36.79 4.98
C ASN E 168 16.84 -36.67 3.72
N MET E 169 17.96 -35.97 3.88
CA MET E 169 18.82 -35.69 2.74
C MET E 169 19.59 -36.93 2.31
N ASP E 170 19.82 -37.86 3.24
CA ASP E 170 20.54 -39.10 2.95
C ASP E 170 19.60 -40.24 2.57
N ASP E 171 18.38 -39.93 2.14
CA ASP E 171 17.43 -40.94 1.69
C ASP E 171 16.88 -40.53 0.34
N PRO E 172 17.55 -40.89 -0.76
CA PRO E 172 17.03 -40.56 -2.10
C PRO E 172 15.55 -40.85 -2.29
N LYS E 173 15.02 -41.89 -1.65
CA LYS E 173 13.63 -42.27 -1.85
C LYS E 173 12.66 -41.31 -1.17
N ALA E 174 13.14 -40.37 -0.35
CA ALA E 174 12.28 -39.44 0.35
C ALA E 174 12.51 -37.98 -0.03
N ILE E 175 13.42 -37.71 -0.97
CA ILE E 175 13.64 -36.34 -1.39
C ILE E 175 12.90 -36.04 -2.70
N GLY E 176 12.62 -37.05 -3.51
CA GLY E 176 11.84 -36.86 -4.72
C GLY E 176 10.45 -36.36 -4.40
N PRO E 177 9.71 -37.09 -3.56
CA PRO E 177 8.39 -36.59 -3.15
C PRO E 177 8.44 -35.25 -2.45
N ALA E 178 9.46 -34.97 -1.64
CA ALA E 178 9.51 -33.70 -0.93
C ALA E 178 9.74 -32.53 -1.87
N MET E 179 10.72 -32.66 -2.77
CA MET E 179 10.96 -31.62 -3.77
C MET E 179 9.74 -31.45 -4.68
N ALA E 180 9.10 -32.55 -5.06
CA ALA E 180 7.91 -32.48 -5.88
C ALA E 180 6.79 -31.75 -5.17
N VAL E 181 6.58 -32.04 -3.88
CA VAL E 181 5.54 -31.35 -3.12
C VAL E 181 5.83 -29.87 -3.04
N ALA E 182 7.08 -29.50 -2.75
CA ALA E 182 7.42 -28.08 -2.64
C ALA E 182 7.18 -27.36 -3.97
N LEU E 183 7.74 -27.89 -5.05
CA LEU E 183 7.59 -27.24 -6.36
C LEU E 183 6.13 -27.18 -6.78
N LEU E 184 5.39 -28.30 -6.62
CA LEU E 184 4.01 -28.33 -7.07
C LEU E 184 3.12 -27.44 -6.23
N THR E 185 3.40 -27.31 -4.94
CA THR E 185 2.56 -26.45 -4.11
C THR E 185 2.85 -24.98 -4.40
N THR E 186 4.10 -24.62 -4.69
CA THR E 186 4.38 -23.25 -5.13
C THR E 186 3.69 -22.96 -6.45
N LEU E 187 3.77 -23.89 -7.41
CA LEU E 187 3.14 -23.69 -8.70
C LEU E 187 1.64 -23.59 -8.58
N TYR E 188 1.03 -24.43 -7.74
CA TYR E 188 -0.41 -24.42 -7.56
C TYR E 188 -0.87 -23.13 -6.88
N GLY E 189 -0.11 -22.66 -5.88
CA GLY E 189 -0.44 -21.39 -5.27
C GLY E 189 -0.40 -20.25 -6.27
N ALA E 190 0.67 -20.19 -7.07
CA ALA E 190 0.78 -19.12 -8.06
C ALA E 190 -0.35 -19.20 -9.09
N ILE E 191 -0.63 -20.40 -9.59
CA ILE E 191 -1.64 -20.57 -10.63
C ILE E 191 -3.02 -20.22 -10.09
N LEU E 192 -3.36 -20.71 -8.89
CA LEU E 192 -4.67 -20.42 -8.32
C LEU E 192 -4.82 -18.96 -7.98
N SER E 193 -3.73 -18.31 -7.56
CA SER E 193 -3.82 -16.90 -7.22
C SER E 193 -3.98 -16.02 -8.45
N ASN E 194 -3.22 -16.30 -9.51
CA ASN E 194 -3.14 -15.37 -10.63
C ASN E 194 -4.07 -15.71 -11.80
N MET E 195 -4.42 -16.99 -11.98
CA MET E 195 -5.19 -17.40 -13.14
C MET E 195 -6.57 -17.94 -12.81
N VAL E 196 -6.93 -18.03 -11.53
CA VAL E 196 -8.24 -18.56 -11.16
C VAL E 196 -9.02 -17.56 -10.32
N PHE E 197 -8.48 -17.19 -9.16
CA PHE E 197 -9.24 -16.41 -8.18
C PHE E 197 -9.20 -14.91 -8.46
N PHE E 198 -8.01 -14.37 -8.73
CA PHE E 198 -7.91 -12.95 -9.06
C PHE E 198 -8.66 -12.59 -10.33
N PRO E 199 -8.52 -13.31 -11.45
CA PRO E 199 -9.36 -13.00 -12.62
C PRO E 199 -10.85 -13.16 -12.36
N ILE E 200 -11.24 -14.13 -11.53
CA ILE E 200 -12.66 -14.28 -11.20
C ILE E 200 -13.16 -13.06 -10.44
N ALA E 201 -12.37 -12.57 -9.48
CA ALA E 201 -12.75 -11.38 -8.74
C ALA E 201 -12.82 -10.16 -9.65
N ASP E 202 -11.87 -10.04 -10.58
CA ASP E 202 -11.89 -8.92 -11.52
C ASP E 202 -13.10 -9.00 -12.44
N LYS E 203 -13.46 -10.20 -12.90
CA LYS E 203 -14.66 -10.38 -13.71
C LYS E 203 -15.90 -10.04 -12.92
N LEU E 204 -15.93 -10.40 -11.63
CA LEU E 204 -17.06 -10.04 -10.79
C LEU E 204 -17.18 -8.53 -10.63
N SER E 205 -16.05 -7.84 -10.48
CA SER E 205 -16.09 -6.38 -10.39
C SER E 205 -16.57 -5.75 -11.69
N LEU E 206 -16.09 -6.27 -12.83
CA LEU E 206 -16.52 -5.75 -14.12
C LEU E 206 -18.02 -5.99 -14.34
N ARG E 207 -18.51 -7.17 -13.97
CA ARG E 207 -19.94 -7.44 -14.05
C ARG E 207 -20.73 -6.55 -13.09
N ARG E 208 -20.15 -6.24 -11.93
CA ARG E 208 -20.78 -5.29 -11.01
C ARG E 208 -20.94 -3.93 -11.68
N ASP E 209 -19.89 -3.45 -12.35
CA ASP E 209 -19.98 -2.17 -13.05
C ASP E 209 -21.02 -2.21 -14.16
N GLN E 210 -21.05 -3.30 -14.93
CA GLN E 210 -22.03 -3.40 -16.01
C GLN E 210 -23.46 -3.43 -15.46
N GLU E 211 -23.70 -4.21 -14.40
CA GLU E 211 -25.02 -4.27 -13.82
C GLU E 211 -25.44 -2.94 -13.21
N THR E 212 -24.51 -2.25 -12.56
CA THR E 212 -24.81 -0.92 -12.01
C THR E 212 -25.18 0.05 -13.12
N LEU E 213 -24.42 0.05 -14.22
CA LEU E 213 -24.74 0.92 -15.33
C LEU E 213 -26.12 0.59 -15.91
N ASN E 214 -26.41 -0.70 -16.10
CA ASN E 214 -27.69 -1.10 -16.66
C ASN E 214 -28.84 -0.68 -15.75
N ARG E 215 -28.67 -0.86 -14.44
CA ARG E 215 -29.76 -0.55 -13.52
C ARG E 215 -29.95 0.95 -13.39
N ARG E 216 -28.86 1.73 -13.42
CA ARG E 216 -29.01 3.18 -13.43
C ARG E 216 -29.71 3.65 -14.71
N LEU E 217 -29.37 3.04 -15.85
CA LEU E 217 -30.05 3.38 -17.09
C LEU E 217 -31.55 3.07 -17.00
N ILE E 218 -31.89 1.91 -16.44
CA ILE E 218 -33.30 1.56 -16.29
C ILE E 218 -34.01 2.53 -15.35
N MET E 219 -33.34 2.90 -14.26
CA MET E 219 -33.93 3.87 -13.32
C MET E 219 -34.19 5.20 -13.99
N ASP E 220 -33.23 5.71 -14.74
CA ASP E 220 -33.39 7.01 -15.40
C ASP E 220 -34.45 6.93 -16.49
N GLY E 221 -34.51 5.81 -17.21
CA GLY E 221 -35.55 5.65 -18.21
C GLY E 221 -36.95 5.62 -17.61
N VAL E 222 -37.09 4.91 -16.49
CA VAL E 222 -38.39 4.86 -15.81
C VAL E 222 -38.77 6.24 -15.29
N LEU E 223 -37.82 6.96 -14.72
CA LEU E 223 -38.10 8.31 -14.23
C LEU E 223 -38.52 9.24 -15.37
N ALA E 224 -37.83 9.14 -16.51
CA ALA E 224 -38.19 9.97 -17.66
C ALA E 224 -39.56 9.60 -18.21
N ILE E 225 -39.89 8.31 -18.24
CA ILE E 225 -41.20 7.87 -18.71
C ILE E 225 -42.29 8.41 -17.79
N GLN E 226 -42.08 8.30 -16.48
CA GLN E 226 -43.06 8.83 -15.53
C GLN E 226 -43.21 10.33 -15.66
N ASP E 227 -42.08 11.05 -15.84
CA ASP E 227 -42.17 12.49 -16.07
C ASP E 227 -42.87 12.80 -17.39
N GLY E 228 -42.57 12.05 -18.43
CA GLY E 228 -43.20 12.24 -19.72
C GLY E 228 -42.47 13.20 -20.63
N GLN E 229 -41.16 13.02 -20.76
CA GLN E 229 -40.35 13.89 -21.61
C GLN E 229 -40.37 13.38 -23.05
N ASN E 230 -39.75 14.16 -23.94
CA ASN E 230 -39.70 13.79 -25.35
C ASN E 230 -38.79 12.59 -25.55
N PRO E 231 -39.19 11.62 -26.38
CA PRO E 231 -38.36 10.42 -26.56
C PRO E 231 -36.96 10.73 -27.11
N ARG E 232 -36.83 11.72 -27.98
CA ARG E 232 -35.53 12.02 -28.58
C ARG E 232 -34.54 12.54 -27.54
N VAL E 233 -35.00 13.41 -26.64
CA VAL E 233 -34.10 13.98 -25.63
C VAL E 233 -33.58 12.89 -24.70
N ILE E 234 -34.49 12.04 -24.21
CA ILE E 234 -34.06 10.97 -23.31
C ILE E 234 -33.22 9.95 -24.06
N ASP E 235 -33.50 9.73 -25.35
CA ASP E 235 -32.68 8.83 -26.15
C ASP E 235 -31.25 9.35 -26.24
N SER E 236 -31.08 10.64 -26.52
CA SER E 236 -29.74 11.22 -26.55
C SER E 236 -29.07 11.16 -25.20
N TYR E 237 -29.81 11.44 -24.13
CA TYR E 237 -29.22 11.43 -22.79
C TYR E 237 -28.75 10.03 -22.42
N LEU E 238 -29.55 9.01 -22.76
CA LEU E 238 -29.14 7.64 -22.45
C LEU E 238 -27.98 7.19 -23.33
N LYS E 239 -27.98 7.59 -24.61
CA LYS E 239 -26.84 7.29 -25.47
C LYS E 239 -25.57 7.96 -25.00
N ASN E 240 -25.69 9.08 -24.27
CA ASN E 240 -24.52 9.70 -23.67
C ASN E 240 -23.83 8.77 -22.68
N TYR E 241 -24.58 7.85 -22.06
CA TYR E 241 -23.99 6.90 -21.12
C TYR E 241 -23.14 5.83 -21.81
N LEU E 242 -23.21 5.72 -23.13
CA LEU E 242 -22.47 4.67 -23.82
C LEU E 242 -20.96 4.87 -23.77
N ASN E 243 -20.50 6.04 -23.37
CA ASN E 243 -19.07 6.34 -23.28
C ASN E 243 -18.64 6.58 -21.83
N GLU E 244 -19.17 5.78 -20.91
CA GLU E 244 -18.87 5.91 -19.49
C GLU E 244 -17.95 4.78 -19.06
N GLY E 245 -16.87 5.14 -18.37
CA GLY E 245 -15.95 4.17 -17.81
C GLY E 245 -15.14 3.40 -18.83
N LYS E 246 -15.30 2.08 -18.85
CA LYS E 246 -14.49 1.18 -19.65
C LYS E 246 -15.03 0.99 -21.06
N ARG E 247 -16.11 1.67 -21.43
CA ARG E 247 -16.70 1.50 -22.76
C ARG E 247 -16.01 2.34 -23.83
N ALA E 248 -14.99 3.11 -23.47
CA ALA E 248 -14.29 3.96 -24.44
C ALA E 248 -13.41 3.07 -25.31
N LEU E 249 -14.01 2.51 -26.36
CA LEU E 249 -13.32 1.65 -27.31
C LEU E 249 -13.37 2.19 -28.73
N GLU E 250 -14.10 3.28 -28.97
CA GLU E 250 -14.23 3.86 -30.30
C GLU E 250 -12.89 4.37 -30.82
N LEU F 3 24.63 17.85 -21.94
CA LEU F 3 24.50 16.64 -21.15
C LEU F 3 23.25 15.86 -21.54
N ALA F 4 22.35 16.53 -22.26
CA ALA F 4 21.11 15.88 -22.69
C ALA F 4 21.39 14.73 -23.67
N THR F 5 22.33 14.93 -24.58
CA THR F 5 22.67 13.89 -25.54
C THR F 5 23.22 12.65 -24.84
N LEU F 6 24.04 12.85 -23.80
CA LEU F 6 24.60 11.72 -23.07
C LEU F 6 23.50 10.89 -22.42
N LEU F 7 22.56 11.54 -21.75
CA LEU F 7 21.47 10.82 -21.10
C LEU F 7 20.58 10.12 -22.12
N GLY F 8 20.25 10.80 -23.22
CA GLY F 8 19.46 10.17 -24.26
C GLY F 8 20.14 8.94 -24.84
N LEU F 9 21.44 9.04 -25.11
CA LEU F 9 22.18 7.92 -25.66
C LEU F 9 22.28 6.77 -24.68
N ILE F 10 22.48 7.07 -23.39
CA ILE F 10 22.58 6.00 -22.41
C ILE F 10 21.24 5.30 -22.23
N GLY F 11 20.13 6.07 -22.29
CA GLY F 11 18.82 5.43 -22.23
C GLY F 11 18.55 4.56 -23.44
N GLY F 12 18.91 5.05 -24.64
CA GLY F 12 18.75 4.23 -25.83
C GLY F 12 19.59 2.98 -25.80
N PHE F 13 20.82 3.09 -25.30
CA PHE F 13 21.69 1.93 -25.18
C PHE F 13 21.13 0.92 -24.17
N ALA F 14 20.59 1.40 -23.05
CA ALA F 14 19.99 0.50 -22.08
C ALA F 14 18.80 -0.24 -22.69
N PHE F 15 17.94 0.48 -23.41
CA PHE F 15 16.81 -0.17 -24.05
C PHE F 15 17.27 -1.17 -25.10
N VAL F 16 18.32 -0.83 -25.85
CA VAL F 16 18.82 -1.73 -26.89
C VAL F 16 19.40 -3.01 -26.28
N ILE F 17 20.18 -2.87 -25.19
CA ILE F 17 20.77 -4.06 -24.58
C ILE F 17 19.69 -4.91 -23.94
N MET F 18 18.66 -4.29 -23.35
CA MET F 18 17.56 -5.07 -22.80
C MET F 18 16.77 -5.75 -23.91
N ALA F 19 16.68 -5.12 -25.08
CA ALA F 19 16.01 -5.74 -26.21
C ALA F 19 16.76 -6.95 -26.73
N MET F 20 18.09 -6.85 -26.85
CA MET F 20 18.85 -8.02 -27.32
C MET F 20 18.87 -9.11 -26.26
N VAL F 21 18.78 -8.74 -24.98
CA VAL F 21 18.54 -9.74 -23.95
C VAL F 21 17.19 -10.41 -24.16
N LEU F 22 16.17 -9.62 -24.50
CA LEU F 22 14.87 -10.19 -24.84
C LEU F 22 14.95 -11.06 -26.09
N GLY F 23 15.71 -10.62 -27.09
CA GLY F 23 15.86 -11.36 -28.33
C GLY F 23 17.04 -12.31 -28.32
N ASP F 31 13.87 -17.87 -26.36
CA ASP F 31 13.76 -16.45 -26.66
C ASP F 31 12.46 -16.13 -27.39
N VAL F 32 11.83 -17.16 -27.94
CA VAL F 32 10.58 -17.01 -28.67
C VAL F 32 9.42 -17.62 -27.92
N THR F 33 9.54 -18.88 -27.49
CA THR F 33 8.46 -19.51 -26.74
C THR F 33 8.39 -18.96 -25.32
N SER F 34 9.52 -18.52 -24.78
CA SER F 34 9.51 -18.00 -23.41
C SER F 34 8.73 -16.69 -23.32
N ILE F 35 8.93 -15.78 -24.27
CA ILE F 35 8.12 -14.57 -24.31
C ILE F 35 6.68 -14.88 -24.70
N LEU F 36 6.47 -15.92 -25.52
CA LEU F 36 5.12 -16.31 -25.88
C LEU F 36 4.31 -16.75 -24.67
N ILE F 37 4.91 -17.52 -23.77
CA ILE F 37 4.20 -17.93 -22.56
C ILE F 37 3.78 -16.71 -21.75
N VAL F 38 4.70 -15.78 -21.56
CA VAL F 38 4.41 -14.60 -20.73
C VAL F 38 3.30 -13.76 -21.37
N VAL F 39 3.41 -13.49 -22.67
CA VAL F 39 2.42 -12.63 -23.31
C VAL F 39 1.07 -13.32 -23.39
N GLY F 40 1.06 -14.63 -23.64
CA GLY F 40 -0.21 -15.34 -23.69
C GLY F 40 -0.92 -15.36 -22.35
N GLY F 41 -0.16 -15.66 -21.28
CA GLY F 41 -0.76 -15.62 -19.95
C GLY F 41 -1.24 -14.24 -19.57
N SER F 42 -0.45 -13.21 -19.89
CA SER F 42 -0.84 -11.84 -19.57
C SER F 42 -2.11 -11.45 -20.31
N ILE F 43 -2.20 -11.80 -21.60
CA ILE F 43 -3.38 -11.46 -22.38
C ILE F 43 -4.60 -12.21 -21.85
N PHE F 44 -4.43 -13.49 -21.52
CA PHE F 44 -5.56 -14.27 -21.01
C PHE F 44 -6.06 -13.70 -19.68
N VAL F 45 -5.15 -13.30 -18.79
CA VAL F 45 -5.56 -12.75 -17.51
C VAL F 45 -6.20 -11.37 -17.70
N VAL F 46 -5.66 -10.55 -18.60
CA VAL F 46 -6.16 -9.20 -18.79
C VAL F 46 -7.55 -9.23 -19.44
N LEU F 47 -7.78 -10.14 -20.38
CA LEU F 47 -9.05 -10.19 -21.09
C LEU F 47 -10.23 -10.48 -20.19
N MET F 48 -9.99 -10.98 -18.97
CA MET F 48 -11.08 -11.15 -18.02
C MET F 48 -11.55 -9.82 -17.46
N LYS F 49 -10.76 -8.76 -17.64
CA LYS F 49 -11.14 -7.41 -17.22
C LYS F 49 -11.46 -6.48 -18.37
N PHE F 50 -10.87 -6.71 -19.54
CA PHE F 50 -11.07 -5.85 -20.70
C PHE F 50 -11.42 -6.70 -21.91
N THR F 51 -12.36 -6.21 -22.72
CA THR F 51 -12.69 -6.89 -23.96
C THR F 51 -11.59 -6.71 -25.00
N MET F 52 -11.70 -7.43 -26.11
CA MET F 52 -10.73 -7.29 -27.19
C MET F 52 -10.78 -5.89 -27.79
N GLY F 53 -11.98 -5.34 -27.95
CA GLY F 53 -12.10 -4.00 -28.49
C GLY F 53 -11.46 -2.95 -27.60
N GLN F 54 -11.66 -3.06 -26.29
CA GLN F 54 -11.05 -2.10 -25.37
C GLN F 54 -9.53 -2.24 -25.36
N PHE F 55 -9.02 -3.46 -25.42
CA PHE F 55 -7.58 -3.67 -25.48
C PHE F 55 -7.00 -3.07 -26.75
N PHE F 56 -7.67 -3.26 -27.89
CA PHE F 56 -7.18 -2.69 -29.14
C PHE F 56 -7.27 -1.17 -29.13
N GLY F 57 -8.30 -0.62 -28.49
CA GLY F 57 -8.38 0.82 -28.33
C GLY F 57 -7.24 1.36 -27.48
N ALA F 58 -6.88 0.64 -26.42
CA ALA F 58 -5.74 1.03 -25.61
C ALA F 58 -4.44 0.97 -26.40
N THR F 59 -4.29 -0.05 -27.25
CA THR F 59 -3.09 -0.12 -28.08
C THR F 59 -3.03 1.05 -29.07
N LYS F 60 -4.18 1.40 -29.66
CA LYS F 60 -4.22 2.57 -30.54
C LYS F 60 -3.88 3.83 -29.78
N ILE F 61 -4.35 3.94 -28.54
CA ILE F 61 -4.03 5.10 -27.71
C ILE F 61 -2.53 5.19 -27.49
N ALA F 62 -1.90 4.07 -27.11
CA ALA F 62 -0.47 4.06 -26.88
C ALA F 62 0.30 4.42 -28.14
N GLY F 63 -0.12 3.87 -29.28
CA GLY F 63 0.51 4.26 -30.54
C GLY F 63 0.41 5.75 -30.80
N LYS F 64 -0.81 6.29 -30.80
CA LYS F 64 -1.00 7.71 -31.08
C LYS F 64 -0.21 8.58 -30.11
N ALA F 65 -0.06 8.11 -28.86
CA ALA F 65 0.72 8.88 -27.90
C ALA F 65 2.22 8.77 -28.17
N PHE F 66 2.67 7.66 -28.74
CA PHE F 66 4.11 7.45 -28.92
C PHE F 66 4.65 7.99 -30.23
N MET F 67 3.91 7.89 -31.34
CA MET F 67 4.41 8.37 -32.62
C MET F 67 3.83 9.71 -33.06
N PHE F 68 2.96 10.33 -32.25
CA PHE F 68 2.43 11.65 -32.55
C PHE F 68 2.67 12.57 -31.36
N LYS F 69 3.61 13.50 -31.51
CA LYS F 69 3.89 14.47 -30.47
C LYS F 69 2.73 15.44 -30.31
N ALA F 70 2.42 15.77 -29.05
CA ALA F 70 1.30 16.66 -28.77
C ALA F 70 1.64 18.09 -29.16
N ASP F 71 0.60 18.91 -29.26
CA ASP F 71 0.79 20.30 -29.68
C ASP F 71 1.38 21.12 -28.53
N GLU F 72 2.42 21.88 -28.85
CA GLU F 72 3.05 22.73 -27.84
C GLU F 72 2.09 23.85 -27.42
N PRO F 73 1.99 24.13 -26.12
CA PRO F 73 1.13 25.24 -25.71
C PRO F 73 1.58 26.60 -26.21
N GLU F 74 2.86 26.74 -26.58
CA GLU F 74 3.34 28.04 -27.08
C GLU F 74 2.69 28.40 -28.41
N ASP F 75 2.71 27.47 -29.37
CA ASP F 75 2.11 27.75 -30.66
C ASP F 75 0.58 27.85 -30.56
N LEU F 76 -0.02 27.06 -29.66
CA LEU F 76 -1.44 27.21 -29.40
C LEU F 76 -1.75 28.59 -28.87
N ILE F 77 -0.92 29.09 -27.95
CA ILE F 77 -1.09 30.44 -27.41
C ILE F 77 -1.00 31.47 -28.51
N ALA F 78 -0.01 31.31 -29.40
CA ALA F 78 0.14 32.24 -30.51
C ALA F 78 -1.08 32.23 -31.40
N LYS F 79 -1.63 31.04 -31.67
CA LYS F 79 -2.78 30.93 -32.55
C LYS F 79 -4.02 31.60 -31.94
N ILE F 80 -4.30 31.32 -30.67
CA ILE F 80 -5.48 31.95 -30.04
C ILE F 80 -5.29 33.46 -29.94
N VAL F 81 -4.06 33.91 -29.67
CA VAL F 81 -3.82 35.35 -29.63
C VAL F 81 -4.08 35.97 -31.00
N GLU F 82 -3.57 35.36 -32.07
CA GLU F 82 -3.74 35.90 -33.41
C GLU F 82 -5.20 35.94 -33.81
N MET F 83 -5.95 34.89 -33.47
CA MET F 83 -7.37 34.85 -33.82
C MET F 83 -8.24 35.72 -32.93
N ALA F 84 -7.81 36.02 -31.71
CA ALA F 84 -8.56 36.95 -30.87
C ALA F 84 -8.31 38.38 -31.30
N ASP F 85 -7.09 38.69 -31.73
CA ASP F 85 -6.83 40.02 -32.29
C ASP F 85 -7.50 40.19 -33.65
N ALA F 86 -7.55 39.12 -34.44
CA ALA F 86 -8.23 39.18 -35.73
C ALA F 86 -9.72 39.40 -35.57
N ALA F 87 -10.34 38.72 -34.60
CA ALA F 87 -11.77 38.85 -34.36
C ALA F 87 -12.06 39.07 -32.88
N ILE F 100 -6.64 25.28 -40.00
CA ILE F 100 -5.68 24.96 -38.95
C ILE F 100 -5.51 23.46 -38.84
N ASN F 101 -4.39 23.03 -38.24
CA ASN F 101 -4.10 21.60 -38.12
C ASN F 101 -4.76 20.96 -36.91
N ASN F 102 -5.09 21.74 -35.87
CA ASN F 102 -5.69 21.17 -34.67
C ASN F 102 -7.12 20.71 -34.97
N THR F 103 -7.57 19.70 -34.22
CA THR F 103 -8.91 19.15 -34.44
C THR F 103 -9.90 19.66 -33.41
N PHE F 104 -9.51 19.67 -32.13
CA PHE F 104 -10.37 20.23 -31.09
C PHE F 104 -10.57 21.72 -31.29
N MET F 105 -9.49 22.44 -31.60
CA MET F 105 -9.59 23.87 -31.88
C MET F 105 -10.51 24.12 -33.07
N GLN F 106 -10.34 23.33 -34.14
CA GLN F 106 -11.18 23.52 -35.33
C GLN F 106 -12.64 23.23 -35.03
N LYS F 107 -12.92 22.16 -34.27
CA LYS F 107 -14.30 21.82 -33.97
C LYS F 107 -14.94 22.89 -33.09
N GLY F 108 -14.20 23.43 -32.13
CA GLY F 108 -14.75 24.52 -31.32
C GLY F 108 -14.98 25.77 -32.14
N ILE F 109 -14.04 26.07 -33.05
CA ILE F 109 -14.19 27.23 -33.92
C ILE F 109 -15.45 27.11 -34.75
N ASP F 110 -15.65 25.95 -35.36
CA ASP F 110 -16.85 25.73 -36.17
C ASP F 110 -18.09 25.80 -35.30
N LEU F 111 -18.00 25.32 -34.05
CA LEU F 111 -19.15 25.36 -33.15
C LEU F 111 -19.58 26.80 -32.86
N LEU F 112 -18.62 27.69 -32.57
CA LEU F 112 -19.05 29.06 -32.29
C LEU F 112 -19.40 29.82 -33.57
N VAL F 113 -18.75 29.52 -34.69
CA VAL F 113 -19.08 30.18 -35.95
C VAL F 113 -20.47 29.81 -36.44
N ASP F 114 -20.88 28.54 -36.31
CA ASP F 114 -22.22 28.15 -36.73
C ASP F 114 -23.31 28.88 -35.97
N GLY F 115 -23.00 29.36 -34.76
CA GLY F 115 -23.96 30.10 -33.97
C GLY F 115 -24.54 29.28 -32.85
N HIS F 116 -24.04 29.48 -31.63
CA HIS F 116 -24.49 28.72 -30.48
C HIS F 116 -24.31 29.56 -29.23
N ASP F 117 -25.07 29.21 -28.19
CA ASP F 117 -24.93 29.85 -26.89
C ASP F 117 -23.61 29.41 -26.24
N ALA F 118 -23.09 30.26 -25.36
CA ALA F 118 -21.82 29.94 -24.70
C ALA F 118 -21.93 28.68 -23.86
N ASP F 119 -23.10 28.45 -23.26
CA ASP F 119 -23.25 27.33 -22.33
C ASP F 119 -23.19 25.99 -23.06
N VAL F 120 -23.83 25.88 -24.22
CA VAL F 120 -23.80 24.63 -24.96
C VAL F 120 -22.39 24.34 -25.48
N VAL F 121 -21.66 25.40 -25.87
CA VAL F 121 -20.28 25.23 -26.27
C VAL F 121 -19.43 24.74 -25.10
N ARG F 122 -19.64 25.32 -23.92
CA ARG F 122 -18.95 24.86 -22.72
C ARG F 122 -19.24 23.39 -22.45
N ALA F 123 -20.52 23.01 -22.56
CA ALA F 123 -20.90 21.63 -22.30
C ALA F 123 -20.24 20.68 -23.30
N ALA F 124 -20.23 21.04 -24.58
CA ALA F 124 -19.63 20.17 -25.59
C ALA F 124 -18.13 20.04 -25.37
N LEU F 125 -17.45 21.16 -25.09
CA LEU F 125 -16.01 21.12 -24.87
C LEU F 125 -15.66 20.31 -23.63
N LYS F 126 -16.41 20.48 -22.54
CA LYS F 126 -16.15 19.71 -21.32
C LYS F 126 -16.46 18.23 -21.53
N LYS F 127 -17.48 17.92 -22.32
CA LYS F 127 -17.78 16.52 -22.64
C LYS F 127 -16.63 15.89 -23.41
N ASP F 128 -16.08 16.59 -24.40
CA ASP F 128 -14.94 16.05 -25.14
C ASP F 128 -13.72 15.92 -24.24
N ILE F 129 -13.49 16.89 -23.35
CA ILE F 129 -12.36 16.81 -22.44
C ILE F 129 -12.49 15.60 -21.53
N ALA F 130 -13.69 15.38 -20.97
CA ALA F 130 -13.90 14.23 -20.09
C ALA F 130 -13.78 12.92 -20.85
N LEU F 131 -14.24 12.89 -22.10
CA LEU F 131 -14.12 11.68 -22.92
C LEU F 131 -12.66 11.34 -23.16
N THR F 132 -11.85 12.34 -23.52
CA THR F 132 -10.43 12.09 -23.75
C THR F 132 -9.73 11.65 -22.45
N ASP F 133 -10.06 12.31 -21.34
CA ASP F 133 -9.46 11.94 -20.06
C ASP F 133 -9.82 10.51 -19.67
N GLU F 134 -11.09 10.14 -19.84
CA GLU F 134 -11.51 8.77 -19.54
C GLU F 134 -10.83 7.76 -20.45
N ARG F 135 -10.69 8.09 -21.74
CA ARG F 135 -10.03 7.17 -22.66
C ARG F 135 -8.58 6.94 -22.27
N HIS F 136 -7.87 8.02 -21.93
CA HIS F 136 -6.46 7.88 -21.55
C HIS F 136 -6.33 7.16 -20.21
N THR F 137 -7.26 7.39 -19.28
CA THR F 137 -7.22 6.68 -18.01
C THR F 137 -7.47 5.18 -18.22
N GLN F 138 -8.37 4.83 -19.14
CA GLN F 138 -8.61 3.42 -19.43
C GLN F 138 -7.37 2.77 -20.07
N GLY F 139 -6.70 3.49 -20.98
CA GLY F 139 -5.47 2.96 -21.53
C GLY F 139 -4.40 2.76 -20.48
N THR F 140 -4.26 3.73 -19.58
CA THR F 140 -3.32 3.59 -18.47
C THR F 140 -3.67 2.39 -17.61
N GLY F 141 -4.95 2.18 -17.33
CA GLY F 141 -5.36 1.03 -16.55
C GLY F 141 -5.03 -0.29 -17.24
N VAL F 142 -5.27 -0.37 -18.54
CA VAL F 142 -4.97 -1.61 -19.28
C VAL F 142 -3.48 -1.91 -19.21
N PHE F 143 -2.64 -0.90 -19.47
CA PHE F 143 -1.21 -1.17 -19.49
C PHE F 143 -0.66 -1.41 -18.10
N ARG F 144 -1.22 -0.77 -17.08
CA ARG F 144 -0.83 -1.06 -15.71
C ARG F 144 -1.20 -2.49 -15.33
N ALA F 145 -2.38 -2.94 -15.74
CA ALA F 145 -2.79 -4.32 -15.46
C ALA F 145 -1.84 -5.31 -16.13
N PHE F 146 -1.46 -5.03 -17.38
CA PHE F 146 -0.44 -5.85 -18.03
C PHE F 146 0.85 -5.86 -17.23
N GLY F 147 1.24 -4.69 -16.69
CA GLY F 147 2.47 -4.62 -15.91
C GLY F 147 2.41 -5.43 -14.63
N ASP F 148 1.30 -5.37 -13.90
CA ASP F 148 1.19 -6.17 -12.68
C ASP F 148 1.09 -7.65 -12.99
N VAL F 149 0.54 -8.01 -14.15
CA VAL F 149 0.31 -9.42 -14.45
C VAL F 149 1.53 -10.13 -15.02
N ALA F 150 2.35 -9.43 -15.82
CA ALA F 150 3.45 -10.09 -16.52
C ALA F 150 4.42 -10.85 -15.61
N PRO F 151 4.94 -10.29 -14.51
CA PRO F 151 5.91 -11.06 -13.71
C PRO F 151 5.33 -12.33 -13.11
N ALA F 152 4.04 -12.32 -12.74
CA ALA F 152 3.42 -13.52 -12.19
C ALA F 152 3.38 -14.64 -13.22
N MET F 153 3.04 -14.31 -14.47
CA MET F 153 3.00 -15.34 -15.50
C MET F 153 4.40 -15.80 -15.87
N GLY F 154 5.38 -14.89 -15.82
CA GLY F 154 6.77 -15.32 -15.97
C GLY F 154 7.17 -16.30 -14.88
N MET F 155 6.78 -16.04 -13.65
CA MET F 155 7.07 -16.96 -12.55
C MET F 155 6.40 -18.30 -12.77
N ILE F 156 5.15 -18.29 -13.22
CA ILE F 156 4.44 -19.54 -13.50
C ILE F 156 5.15 -20.33 -14.58
N GLY F 157 5.56 -19.66 -15.66
CA GLY F 157 6.31 -20.34 -16.70
C GLY F 157 7.62 -20.92 -16.20
N THR F 158 8.31 -20.19 -15.31
CA THR F 158 9.55 -20.70 -14.73
C THR F 158 9.28 -21.95 -13.90
N LEU F 159 8.21 -21.95 -13.11
CA LEU F 159 7.89 -23.12 -12.31
C LEU F 159 7.54 -24.32 -13.19
N VAL F 160 6.81 -24.09 -14.27
CA VAL F 160 6.49 -25.18 -15.20
C VAL F 160 7.75 -25.72 -15.85
N GLY F 161 8.66 -24.84 -16.24
CA GLY F 161 9.93 -25.29 -16.80
C GLY F 161 10.76 -26.08 -15.80
N LEU F 162 10.72 -25.67 -14.53
CA LEU F 162 11.40 -26.43 -13.48
C LEU F 162 10.79 -27.82 -13.34
N VAL F 163 9.45 -27.92 -13.38
CA VAL F 163 8.80 -29.22 -13.31
C VAL F 163 9.25 -30.10 -14.46
N ALA F 164 9.26 -29.55 -15.68
CA ALA F 164 9.66 -30.32 -16.84
C ALA F 164 11.11 -30.77 -16.75
N MET F 165 12.00 -29.87 -16.31
CA MET F 165 13.42 -30.22 -16.20
C MET F 165 13.66 -31.29 -15.15
N LEU F 166 12.98 -31.18 -14.00
CA LEU F 166 13.13 -32.20 -12.97
C LEU F 166 12.57 -33.54 -13.42
N SER F 167 11.47 -33.54 -14.18
CA SER F 167 10.94 -34.77 -14.72
C SER F 167 11.80 -35.35 -15.84
N ASN F 168 12.59 -34.54 -16.52
CA ASN F 168 13.47 -34.98 -17.59
C ASN F 168 14.94 -34.84 -17.17
N MET F 169 15.22 -35.18 -15.92
CA MET F 169 16.57 -35.09 -15.38
C MET F 169 17.43 -36.21 -15.95
N ASP F 170 18.26 -35.90 -16.95
CA ASP F 170 19.07 -36.91 -17.61
C ASP F 170 20.56 -36.69 -17.42
N ASP F 171 21.08 -35.52 -17.81
CA ASP F 171 22.52 -35.30 -17.87
C ASP F 171 22.89 -34.25 -16.83
N PRO F 172 23.81 -34.55 -15.89
CA PRO F 172 24.17 -33.55 -14.89
C PRO F 172 24.71 -32.26 -15.47
N LYS F 173 25.53 -32.33 -16.52
CA LYS F 173 26.02 -31.12 -17.16
C LYS F 173 24.90 -30.30 -17.80
N ALA F 174 23.75 -30.93 -18.04
CA ALA F 174 22.59 -30.23 -18.57
C ALA F 174 21.73 -29.61 -17.48
N ILE F 175 22.07 -29.80 -16.21
CA ILE F 175 21.30 -29.18 -15.13
C ILE F 175 21.43 -27.67 -15.17
N GLY F 176 22.64 -27.17 -15.43
CA GLY F 176 22.88 -25.75 -15.50
C GLY F 176 22.09 -25.04 -16.58
N PRO F 177 22.38 -25.34 -17.85
CA PRO F 177 21.72 -24.60 -18.94
C PRO F 177 20.21 -24.74 -18.95
N ALA F 178 19.68 -25.95 -18.73
CA ALA F 178 18.24 -26.15 -18.82
C ALA F 178 17.51 -25.28 -17.80
N MET F 179 18.00 -25.26 -16.56
CA MET F 179 17.45 -24.36 -15.55
C MET F 179 17.52 -22.91 -16.03
N ALA F 180 18.65 -22.53 -16.63
CA ALA F 180 18.80 -21.18 -17.16
C ALA F 180 17.72 -20.85 -18.17
N VAL F 181 17.20 -21.86 -18.88
CA VAL F 181 16.09 -21.61 -19.80
C VAL F 181 14.83 -21.26 -19.01
N ALA F 182 14.51 -22.06 -18.00
CA ALA F 182 13.26 -21.85 -17.26
C ALA F 182 13.26 -20.49 -16.57
N LEU F 183 14.32 -20.19 -15.83
CA LEU F 183 14.42 -18.89 -15.17
C LEU F 183 14.35 -17.76 -16.19
N LEU F 184 14.76 -18.03 -17.44
CA LEU F 184 14.67 -17.02 -18.49
C LEU F 184 13.26 -16.43 -18.55
N THR F 185 12.24 -17.28 -18.47
CA THR F 185 10.87 -16.80 -18.51
C THR F 185 10.66 -15.69 -17.49
N THR F 186 11.05 -15.94 -16.24
CA THR F 186 10.91 -14.93 -15.19
C THR F 186 11.54 -13.62 -15.63
N LEU F 187 12.78 -13.69 -16.12
CA LEU F 187 13.48 -12.49 -16.55
C LEU F 187 12.64 -11.71 -17.53
N TYR F 188 12.08 -12.40 -18.53
CA TYR F 188 11.30 -11.72 -19.56
C TYR F 188 10.16 -10.94 -18.91
N GLY F 189 9.44 -11.57 -17.99
CA GLY F 189 8.37 -10.87 -17.30
C GLY F 189 8.86 -9.58 -16.68
N ALA F 190 9.96 -9.65 -15.93
CA ALA F 190 10.50 -8.43 -15.32
C ALA F 190 10.83 -7.41 -16.39
N ILE F 191 11.47 -7.84 -17.48
CA ILE F 191 11.82 -6.90 -18.53
C ILE F 191 10.57 -6.33 -19.17
N LEU F 192 9.51 -7.12 -19.28
CA LEU F 192 8.27 -6.60 -19.84
C LEU F 192 7.48 -5.80 -18.81
N SER F 193 7.80 -5.94 -17.53
CA SER F 193 6.99 -5.27 -16.52
C SER F 193 7.47 -3.86 -16.26
N ASN F 194 8.78 -3.64 -16.22
CA ASN F 194 9.33 -2.35 -15.83
C ASN F 194 9.81 -1.51 -17.00
N MET F 195 9.94 -2.09 -18.19
CA MET F 195 10.50 -1.38 -19.32
C MET F 195 9.62 -1.37 -20.56
N VAL F 196 8.43 -1.99 -20.51
CA VAL F 196 7.54 -1.96 -21.66
C VAL F 196 6.17 -1.46 -21.25
N PHE F 197 5.54 -2.11 -20.28
CA PHE F 197 4.14 -1.79 -19.97
C PHE F 197 4.03 -0.63 -18.99
N PHE F 198 4.83 -0.64 -17.94
CA PHE F 198 4.83 0.47 -16.98
C PHE F 198 5.28 1.77 -17.63
N PRO F 199 6.36 1.78 -18.43
CA PRO F 199 6.68 3.01 -19.16
C PRO F 199 5.57 3.48 -20.09
N ILE F 200 4.87 2.56 -20.75
CA ILE F 200 3.77 2.97 -21.62
C ILE F 200 2.64 3.59 -20.80
N ALA F 201 2.34 3.02 -19.63
CA ALA F 201 1.31 3.62 -18.78
C ALA F 201 1.74 5.01 -18.29
N ASP F 202 3.01 5.16 -17.93
CA ASP F 202 3.49 6.48 -17.49
C ASP F 202 3.43 7.49 -18.62
N LYS F 203 3.81 7.09 -19.83
CA LYS F 203 3.71 7.98 -20.98
C LYS F 203 2.26 8.31 -21.29
N LEU F 204 1.36 7.36 -21.09
CA LEU F 204 -0.06 7.63 -21.31
C LEU F 204 -0.58 8.65 -20.31
N SER F 205 -0.18 8.54 -19.04
CA SER F 205 -0.56 9.54 -18.07
C SER F 205 0.00 10.92 -18.42
N LEU F 206 1.26 10.95 -18.85
CA LEU F 206 1.86 12.22 -19.26
C LEU F 206 1.11 12.84 -20.44
N ARG F 207 0.76 12.01 -21.43
CA ARG F 207 0.05 12.50 -22.60
C ARG F 207 -1.35 12.97 -22.22
N ARG F 208 -1.99 12.28 -21.27
CA ARG F 208 -3.30 12.73 -20.78
C ARG F 208 -3.20 14.08 -20.11
N ASP F 209 -2.16 14.28 -19.29
CA ASP F 209 -1.98 15.59 -18.66
C ASP F 209 -1.73 16.68 -19.69
N GLN F 210 -0.89 16.39 -20.69
CA GLN F 210 -0.62 17.37 -21.73
C GLN F 210 -1.88 17.73 -22.50
N GLU F 211 -2.68 16.71 -22.87
CA GLU F 211 -3.89 16.95 -23.63
C GLU F 211 -4.93 17.69 -22.79
N THR F 212 -5.02 17.39 -21.50
CA THR F 212 -5.94 18.11 -20.63
C THR F 212 -5.56 19.58 -20.54
N LEU F 213 -4.27 19.87 -20.36
CA LEU F 213 -3.84 21.26 -20.31
C LEU F 213 -4.13 21.97 -21.63
N ASN F 214 -3.81 21.32 -22.75
CA ASN F 214 -4.04 21.92 -24.05
C ASN F 214 -5.52 22.20 -24.30
N ARG F 215 -6.38 21.23 -23.97
CA ARG F 215 -7.81 21.39 -24.20
C ARG F 215 -8.41 22.42 -23.27
N ARG F 216 -7.90 22.54 -22.04
CA ARG F 216 -8.35 23.62 -21.16
C ARG F 216 -7.95 24.97 -21.75
N LEU F 217 -6.75 25.06 -22.33
CA LEU F 217 -6.36 26.29 -23.01
C LEU F 217 -7.31 26.61 -24.16
N ILE F 218 -7.66 25.60 -24.96
CA ILE F 218 -8.59 25.81 -26.07
C ILE F 218 -9.95 26.28 -25.55
N MET F 219 -10.44 25.66 -24.47
CA MET F 219 -11.73 26.06 -23.93
C MET F 219 -11.70 27.51 -23.46
N ASP F 220 -10.67 27.88 -22.71
CA ASP F 220 -10.58 29.26 -22.22
C ASP F 220 -10.46 30.25 -23.36
N GLY F 221 -9.64 29.93 -24.37
CA GLY F 221 -9.48 30.84 -25.50
C GLY F 221 -10.75 31.01 -26.30
N VAL F 222 -11.47 29.90 -26.54
CA VAL F 222 -12.72 29.97 -27.30
C VAL F 222 -13.75 30.78 -26.52
N LEU F 223 -13.85 30.54 -25.20
CA LEU F 223 -14.80 31.31 -24.40
C LEU F 223 -14.45 32.80 -24.40
N ALA F 224 -13.16 33.12 -24.30
CA ALA F 224 -12.75 34.52 -24.31
C ALA F 224 -13.06 35.18 -25.65
N ILE F 225 -12.80 34.47 -26.75
CA ILE F 225 -13.08 35.02 -28.07
C ILE F 225 -14.58 35.24 -28.26
N GLN F 226 -15.39 34.26 -27.89
CA GLN F 226 -16.84 34.39 -28.05
C GLN F 226 -17.39 35.50 -27.17
N ASP F 227 -16.88 35.64 -25.95
CA ASP F 227 -17.32 36.69 -25.04
C ASP F 227 -16.72 38.04 -25.44
N GLY F 228 -15.61 38.02 -26.17
CA GLY F 228 -14.93 39.25 -26.54
C GLY F 228 -14.21 39.95 -25.40
N GLN F 229 -13.48 39.19 -24.59
CA GLN F 229 -12.68 39.75 -23.52
C GLN F 229 -11.44 40.44 -24.08
N ASN F 230 -10.82 41.26 -23.24
CA ASN F 230 -9.60 41.95 -23.65
C ASN F 230 -8.47 40.94 -23.83
N PRO F 231 -7.72 41.00 -24.94
CA PRO F 231 -6.67 40.00 -25.16
C PRO F 231 -5.60 39.97 -24.08
N ARG F 232 -5.27 41.10 -23.47
CA ARG F 232 -4.18 41.12 -22.50
C ARG F 232 -4.49 40.26 -21.28
N VAL F 233 -5.71 40.37 -20.75
CA VAL F 233 -6.05 39.61 -19.54
C VAL F 233 -6.12 38.12 -19.85
N ILE F 234 -6.62 37.75 -21.03
CA ILE F 234 -6.70 36.33 -21.36
C ILE F 234 -5.29 35.78 -21.61
N ASP F 235 -4.40 36.57 -22.20
CA ASP F 235 -3.01 36.14 -22.34
C ASP F 235 -2.36 35.94 -20.97
N SER F 236 -2.62 36.84 -20.03
CA SER F 236 -2.06 36.68 -18.69
C SER F 236 -2.59 35.41 -18.03
N TYR F 237 -3.91 35.17 -18.14
CA TYR F 237 -4.49 33.97 -17.55
C TYR F 237 -3.91 32.71 -18.18
N LEU F 238 -3.70 32.71 -19.49
CA LEU F 238 -3.21 31.52 -20.16
C LEU F 238 -1.73 31.29 -19.88
N LYS F 239 -0.96 32.36 -19.69
CA LYS F 239 0.41 32.19 -19.21
C LYS F 239 0.43 31.61 -17.80
N ASN F 240 -0.49 32.08 -16.95
CA ASN F 240 -0.63 31.49 -15.61
C ASN F 240 -0.93 30.00 -15.72
N TYR F 241 -1.78 29.63 -16.67
CA TYR F 241 -2.02 28.21 -16.92
C TYR F 241 -0.75 27.49 -17.37
N LEU F 242 0.04 28.14 -18.22
CA LEU F 242 1.28 27.55 -18.70
C LEU F 242 2.30 27.33 -17.59
N ASN F 243 2.28 28.16 -16.55
CA ASN F 243 3.29 28.13 -15.50
C ASN F 243 2.94 27.19 -14.34
N GLU F 244 2.15 26.14 -14.58
CA GLU F 244 1.82 25.18 -13.54
C GLU F 244 1.99 23.76 -14.06
N GLY F 245 1.97 22.81 -13.13
CA GLY F 245 2.13 21.41 -13.48
C GLY F 245 3.58 21.00 -13.57
N LYS F 246 3.79 19.86 -14.24
CA LYS F 246 5.14 19.32 -14.42
C LYS F 246 6.06 20.29 -15.17
N ARG F 247 5.48 21.23 -15.93
CA ARG F 247 6.28 22.22 -16.63
C ARG F 247 6.95 23.21 -15.68
N ALA F 248 6.54 23.24 -14.41
CA ALA F 248 7.09 24.22 -13.47
C ALA F 248 8.60 24.06 -13.31
N LEU F 249 9.13 22.87 -13.57
CA LEU F 249 10.57 22.67 -13.48
C LEU F 249 11.32 23.38 -14.60
N GLU F 250 10.68 23.60 -15.75
CA GLU F 250 11.39 24.12 -16.91
C GLU F 250 11.81 25.58 -16.73
N ILE F 251 11.21 26.32 -15.82
CA ILE F 251 11.55 27.71 -15.61
C ILE F 251 12.62 27.83 -14.53
N GLY G 27 37.87 -6.37 -15.89
CA GLY G 27 37.73 -5.63 -14.66
C GLY G 27 36.81 -4.42 -14.79
N MET G 28 36.79 -3.83 -15.98
CA MET G 28 35.94 -2.67 -16.20
C MET G 28 34.63 -3.05 -16.89
N PHE G 29 34.62 -4.15 -17.65
CA PHE G 29 33.43 -4.53 -18.41
C PHE G 29 32.25 -4.83 -17.50
N VAL G 30 32.50 -5.56 -16.41
CA VAL G 30 31.40 -5.93 -15.51
C VAL G 30 30.86 -4.69 -14.80
N ASP G 31 31.76 -3.77 -14.42
CA ASP G 31 31.32 -2.55 -13.74
C ASP G 31 30.48 -1.69 -14.67
N VAL G 32 30.94 -1.50 -15.91
CA VAL G 32 30.18 -0.67 -16.83
C VAL G 32 28.88 -1.37 -17.21
N THR G 33 28.85 -2.71 -17.24
CA THR G 33 27.61 -3.42 -17.54
C THR G 33 26.60 -3.23 -16.42
N SER G 34 27.01 -3.37 -15.17
CA SER G 34 26.09 -3.17 -14.05
C SER G 34 25.59 -1.72 -14.00
N ILE G 35 26.51 -0.76 -14.16
CA ILE G 35 26.12 0.64 -14.17
C ILE G 35 25.17 0.92 -15.32
N LEU G 36 25.45 0.35 -16.50
CA LEU G 36 24.58 0.55 -17.65
C LEU G 36 23.19 0.02 -17.36
N ILE G 37 23.09 -1.24 -16.94
CA ILE G 37 21.78 -1.82 -16.63
C ILE G 37 21.01 -0.90 -15.69
N VAL G 38 21.56 -0.67 -14.49
CA VAL G 38 20.80 0.03 -13.46
C VAL G 38 20.50 1.47 -13.87
N VAL G 39 21.55 2.26 -14.09
CA VAL G 39 21.38 3.69 -14.33
C VAL G 39 20.66 3.94 -15.65
N GLY G 40 21.03 3.23 -16.72
CA GLY G 40 20.35 3.41 -17.98
C GLY G 40 18.88 3.06 -17.93
N GLY G 41 18.52 1.96 -17.26
CA GLY G 41 17.11 1.64 -17.12
C GLY G 41 16.36 2.70 -16.33
N SER G 42 16.95 3.16 -15.22
CA SER G 42 16.30 4.21 -14.44
C SER G 42 16.10 5.47 -15.26
N ILE G 43 17.14 5.91 -15.98
CA ILE G 43 17.07 7.12 -16.78
C ILE G 43 16.06 6.96 -17.90
N PHE G 44 16.04 5.79 -18.54
CA PHE G 44 15.10 5.53 -19.63
C PHE G 44 13.66 5.64 -19.16
N VAL G 45 13.35 5.00 -18.02
CA VAL G 45 11.99 5.05 -17.50
C VAL G 45 11.63 6.47 -17.08
N VAL G 46 12.55 7.17 -16.41
CA VAL G 46 12.25 8.53 -15.97
C VAL G 46 12.05 9.46 -17.16
N LEU G 47 12.88 9.33 -18.19
CA LEU G 47 12.71 10.14 -19.39
C LEU G 47 11.37 9.86 -20.07
N MET G 48 10.90 8.61 -20.02
CA MET G 48 9.52 8.37 -20.42
C MET G 48 8.54 9.09 -19.51
N LYS G 49 8.86 9.18 -18.21
CA LYS G 49 7.94 9.84 -17.28
C LYS G 49 8.10 11.35 -17.31
N PHE G 50 9.34 11.84 -17.21
CA PHE G 50 9.62 13.26 -17.17
C PHE G 50 10.41 13.69 -18.39
N THR G 51 10.13 14.89 -18.89
CA THR G 51 10.90 15.44 -19.99
C THR G 51 12.31 15.78 -19.53
N MET G 52 13.22 15.93 -20.50
CA MET G 52 14.62 16.15 -20.17
C MET G 52 14.83 17.49 -19.48
N GLY G 53 14.19 18.54 -19.97
CA GLY G 53 14.33 19.85 -19.34
C GLY G 53 13.80 19.86 -17.92
N GLN G 54 12.70 19.14 -17.67
CA GLN G 54 12.19 19.04 -16.31
C GLN G 54 13.16 18.30 -15.41
N PHE G 55 13.84 17.28 -15.93
CA PHE G 55 14.85 16.59 -15.13
C PHE G 55 16.02 17.51 -14.80
N PHE G 56 16.46 18.31 -15.77
CA PHE G 56 17.54 19.24 -15.48
C PHE G 56 17.10 20.31 -14.49
N GLY G 57 15.85 20.75 -14.57
CA GLY G 57 15.33 21.66 -13.57
C GLY G 57 15.32 21.06 -12.17
N ALA G 58 14.93 19.79 -12.08
CA ALA G 58 14.95 19.10 -10.79
C ALA G 58 16.38 18.99 -10.26
N THR G 59 17.34 18.69 -11.15
CA THR G 59 18.74 18.62 -10.73
C THR G 59 19.24 19.97 -10.23
N LYS G 60 18.86 21.05 -10.93
CA LYS G 60 19.24 22.39 -10.48
C LYS G 60 18.62 22.70 -9.13
N ILE G 61 17.36 22.31 -8.93
CA ILE G 61 16.70 22.52 -7.64
C ILE G 61 17.44 21.80 -6.53
N ALA G 62 17.82 20.54 -6.78
CA ALA G 62 18.55 19.77 -5.78
C ALA G 62 19.90 20.42 -5.49
N GLY G 63 20.60 20.88 -6.52
CA GLY G 63 21.88 21.54 -6.30
C GLY G 63 21.75 22.80 -5.48
N LYS G 64 20.70 23.58 -5.75
CA LYS G 64 20.46 24.79 -4.96
C LYS G 64 20.11 24.44 -3.52
N ALA G 65 19.34 23.37 -3.31
CA ALA G 65 18.92 23.00 -1.97
C ALA G 65 19.99 22.25 -1.18
N PHE G 66 21.07 21.83 -1.84
CA PHE G 66 22.14 21.11 -1.15
C PHE G 66 23.35 21.98 -0.84
N MET G 67 23.49 23.14 -1.49
CA MET G 67 24.66 23.99 -1.30
C MET G 67 24.27 25.41 -0.90
N PHE G 68 23.08 25.59 -0.34
CA PHE G 68 22.63 26.90 0.13
C PHE G 68 21.71 26.69 1.32
N LYS G 69 22.19 27.04 2.52
CA LYS G 69 21.35 26.94 3.70
C LYS G 69 20.17 27.89 3.61
N ALA G 70 18.98 27.38 3.91
CA ALA G 70 17.80 28.21 3.91
C ALA G 70 17.85 29.23 5.04
N ASP G 71 17.34 30.43 4.76
CA ASP G 71 17.31 31.48 5.77
C ASP G 71 16.47 31.04 6.96
N GLU G 72 17.12 30.91 8.12
CA GLU G 72 16.41 30.47 9.31
C GLU G 72 15.40 31.53 9.74
N PRO G 73 14.21 31.12 10.20
CA PRO G 73 13.11 32.09 10.35
C PRO G 73 13.37 33.20 11.35
N GLU G 74 14.09 32.92 12.44
CA GLU G 74 14.27 33.93 13.49
C GLU G 74 14.79 35.25 12.92
N ASP G 75 15.74 35.17 11.99
CA ASP G 75 16.20 36.38 11.31
C ASP G 75 15.07 36.99 10.49
N LEU G 76 14.16 36.17 9.97
CA LEU G 76 13.05 36.72 9.19
C LEU G 76 12.11 37.53 10.08
N ILE G 77 11.74 37.01 11.25
CA ILE G 77 10.93 37.81 12.16
C ILE G 77 11.69 39.04 12.63
N ALA G 78 13.01 38.92 12.85
CA ALA G 78 13.79 40.08 13.26
C ALA G 78 13.75 41.17 12.20
N LYS G 79 13.90 40.80 10.93
CA LYS G 79 13.85 41.79 9.86
C LYS G 79 12.43 42.34 9.70
N ILE G 80 11.42 41.50 9.93
CA ILE G 80 10.04 41.97 9.81
C ILE G 80 9.76 43.05 10.85
N VAL G 81 10.16 42.82 12.10
CA VAL G 81 9.95 43.84 13.12
C VAL G 81 10.88 45.03 12.86
N GLU G 82 12.03 44.80 12.23
CA GLU G 82 12.89 45.92 11.84
C GLU G 82 12.17 46.87 10.88
N MET G 83 11.57 46.32 9.83
CA MET G 83 10.80 47.16 8.92
C MET G 83 9.58 47.76 9.61
N ALA G 84 8.92 47.00 10.49
CA ALA G 84 7.73 47.51 11.17
C ALA G 84 8.07 48.73 12.02
N ASP G 85 9.18 48.68 12.75
CA ASP G 85 9.62 49.84 13.52
C ASP G 85 10.09 50.96 12.60
N ALA G 86 10.78 50.61 11.51
CA ALA G 86 11.22 51.62 10.55
C ALA G 86 10.03 52.29 9.87
N ALA G 87 9.02 51.50 9.53
CA ALA G 87 7.82 52.03 8.88
C ALA G 87 6.58 51.78 9.73
N ILE G 100 17.82 43.59 2.65
CA ILE G 100 18.13 42.83 1.44
C ILE G 100 18.40 41.38 1.80
N ASN G 101 19.23 40.72 0.98
CA ASN G 101 19.64 39.34 1.19
C ASN G 101 18.45 38.38 1.17
N ASN G 102 17.40 38.74 0.44
CA ASN G 102 16.23 37.87 0.30
C ASN G 102 15.50 38.26 -0.98
N THR G 103 15.47 37.35 -1.95
CA THR G 103 14.82 37.64 -3.23
C THR G 103 13.32 37.86 -3.03
N PHE G 104 12.68 37.03 -2.20
CA PHE G 104 11.25 37.19 -1.96
C PHE G 104 10.95 38.52 -1.30
N MET G 105 11.75 38.91 -0.30
CA MET G 105 11.53 40.19 0.36
C MET G 105 11.79 41.35 -0.58
N GLN G 106 12.81 41.23 -1.44
CA GLN G 106 13.06 42.25 -2.46
C GLN G 106 11.84 42.42 -3.36
N LYS G 107 11.31 41.31 -3.87
CA LYS G 107 10.12 41.37 -4.74
C LYS G 107 8.93 41.94 -3.98
N GLY G 108 8.75 41.55 -2.71
CA GLY G 108 7.63 42.05 -1.95
C GLY G 108 7.67 43.54 -1.72
N ILE G 109 8.84 44.06 -1.32
CA ILE G 109 8.93 45.50 -1.08
C ILE G 109 8.82 46.27 -2.41
N ASP G 110 9.37 45.71 -3.49
CA ASP G 110 9.23 46.37 -4.79
C ASP G 110 7.77 46.44 -5.22
N LEU G 111 7.00 45.37 -4.99
CA LEU G 111 5.59 45.38 -5.31
C LEU G 111 4.81 46.32 -4.41
N LEU G 112 5.19 46.40 -3.13
CA LEU G 112 4.50 47.29 -2.20
C LEU G 112 4.75 48.75 -2.53
N VAL G 113 5.96 49.08 -3.01
CA VAL G 113 6.26 50.46 -3.38
C VAL G 113 5.36 50.93 -4.51
N ASP G 114 5.18 50.09 -5.53
CA ASP G 114 4.39 50.44 -6.70
C ASP G 114 2.91 50.10 -6.54
N GLY G 115 2.59 48.84 -6.27
CA GLY G 115 1.20 48.45 -6.08
C GLY G 115 0.70 48.79 -4.69
N HIS G 116 -0.17 49.80 -4.61
CA HIS G 116 -0.65 50.25 -3.31
C HIS G 116 -1.68 49.31 -2.71
N ASP G 117 -2.51 48.69 -3.55
CA ASP G 117 -3.57 47.82 -3.04
C ASP G 117 -2.99 46.53 -2.50
N ALA G 118 -3.59 46.04 -1.41
CA ALA G 118 -3.11 44.82 -0.78
C ALA G 118 -3.51 43.56 -1.57
N ASP G 119 -4.59 43.64 -2.35
CA ASP G 119 -5.09 42.46 -3.04
C ASP G 119 -4.11 41.98 -4.10
N VAL G 120 -3.59 42.89 -4.92
CA VAL G 120 -2.67 42.49 -5.98
C VAL G 120 -1.38 41.93 -5.39
N VAL G 121 -0.83 42.59 -4.37
CA VAL G 121 0.39 42.13 -3.75
C VAL G 121 0.19 40.77 -3.11
N ARG G 122 -0.93 40.58 -2.41
CA ARG G 122 -1.21 39.31 -1.76
C ARG G 122 -1.37 38.19 -2.79
N ALA G 123 -2.09 38.46 -3.87
CA ALA G 123 -2.27 37.45 -4.91
C ALA G 123 -0.94 37.08 -5.56
N ALA G 124 -0.10 38.07 -5.85
CA ALA G 124 1.20 37.79 -6.44
C ALA G 124 2.08 36.99 -5.48
N LEU G 125 2.05 37.33 -4.19
CA LEU G 125 2.84 36.58 -3.22
C LEU G 125 2.40 35.13 -3.13
N LYS G 126 1.08 34.89 -3.09
CA LYS G 126 0.62 33.50 -3.04
C LYS G 126 0.90 32.78 -4.34
N LYS G 127 0.86 33.48 -5.48
CA LYS G 127 1.21 32.85 -6.74
C LYS G 127 2.68 32.41 -6.75
N ASP G 128 3.57 33.27 -6.26
CA ASP G 128 4.98 32.90 -6.16
C ASP G 128 5.18 31.74 -5.19
N ILE G 129 4.46 31.76 -4.07
CA ILE G 129 4.57 30.68 -3.08
C ILE G 129 4.14 29.36 -3.70
N ALA G 130 3.01 29.37 -4.42
CA ALA G 130 2.52 28.16 -5.07
C ALA G 130 3.47 27.69 -6.16
N LEU G 131 4.07 28.62 -6.90
CA LEU G 131 5.03 28.23 -7.92
C LEU G 131 6.24 27.53 -7.30
N THR G 132 6.78 28.09 -6.21
CA THR G 132 7.92 27.45 -5.55
C THR G 132 7.54 26.09 -4.98
N ASP G 133 6.35 26.00 -4.36
CA ASP G 133 5.90 24.73 -3.80
C ASP G 133 5.75 23.68 -4.89
N GLU G 134 5.15 24.05 -6.01
CA GLU G 134 4.98 23.11 -7.12
C GLU G 134 6.32 22.69 -7.70
N ARG G 135 7.26 23.64 -7.82
CA ARG G 135 8.58 23.30 -8.34
C ARG G 135 9.29 22.28 -7.46
N HIS G 136 9.25 22.51 -6.13
CA HIS G 136 9.89 21.56 -5.22
C HIS G 136 9.16 20.23 -5.20
N THR G 137 7.83 20.24 -5.31
CA THR G 137 7.08 19.00 -5.37
C THR G 137 7.44 18.20 -6.61
N GLN G 138 7.60 18.87 -7.75
CA GLN G 138 7.97 18.17 -8.97
C GLN G 138 9.39 17.60 -8.89
N GLY G 139 10.30 18.36 -8.27
CA GLY G 139 11.64 17.82 -8.07
C GLY G 139 11.64 16.60 -7.18
N THR G 140 10.87 16.65 -6.09
CA THR G 140 10.73 15.48 -5.22
C THR G 140 10.12 14.31 -5.98
N GLY G 141 9.14 14.57 -6.85
CA GLY G 141 8.57 13.51 -7.65
C GLY G 141 9.58 12.87 -8.59
N VAL G 142 10.42 13.69 -9.22
CA VAL G 142 11.46 13.15 -10.10
C VAL G 142 12.40 12.24 -9.33
N PHE G 143 12.87 12.72 -8.17
CA PHE G 143 13.86 11.95 -7.44
C PHE G 143 13.26 10.69 -6.82
N ARG G 144 12.00 10.76 -6.38
CA ARG G 144 11.32 9.56 -5.89
C ARG G 144 11.07 8.57 -7.02
N ALA G 145 10.77 9.05 -8.23
CA ALA G 145 10.63 8.14 -9.36
C ALA G 145 11.94 7.43 -9.66
N PHE G 146 13.05 8.16 -9.62
CA PHE G 146 14.35 7.52 -9.77
C PHE G 146 14.60 6.48 -8.69
N GLY G 147 14.27 6.82 -7.44
CA GLY G 147 14.49 5.90 -6.35
C GLY G 147 13.65 4.64 -6.45
N ASP G 148 12.43 4.77 -6.98
CA ASP G 148 11.57 3.59 -7.16
C ASP G 148 12.00 2.75 -8.35
N VAL G 149 12.53 3.38 -9.41
CA VAL G 149 12.87 2.61 -10.60
C VAL G 149 14.21 1.91 -10.43
N ALA G 150 15.10 2.45 -9.59
CA ALA G 150 16.41 1.84 -9.43
C ALA G 150 16.38 0.38 -8.96
N PRO G 151 15.63 0.00 -7.92
CA PRO G 151 15.68 -1.40 -7.48
C PRO G 151 15.05 -2.37 -8.47
N ALA G 152 14.08 -1.93 -9.28
CA ALA G 152 13.55 -2.80 -10.32
C ALA G 152 14.62 -3.17 -11.34
N MET G 153 15.42 -2.18 -11.76
CA MET G 153 16.55 -2.46 -12.63
C MET G 153 17.60 -3.30 -11.94
N GLY G 154 17.79 -3.11 -10.63
CA GLY G 154 18.68 -3.99 -9.89
C GLY G 154 18.24 -5.44 -9.94
N MET G 155 16.93 -5.67 -9.76
CA MET G 155 16.39 -7.03 -9.84
C MET G 155 16.54 -7.60 -11.25
N ILE G 156 16.29 -6.78 -12.27
CA ILE G 156 16.45 -7.24 -13.65
C ILE G 156 17.90 -7.64 -13.92
N GLY G 157 18.84 -6.81 -13.46
CA GLY G 157 20.25 -7.14 -13.63
C GLY G 157 20.65 -8.39 -12.88
N THR G 158 20.11 -8.57 -11.67
CA THR G 158 20.37 -9.79 -10.92
C THR G 158 19.87 -11.01 -11.66
N LEU G 159 18.67 -10.94 -12.23
CA LEU G 159 18.13 -12.05 -13.00
C LEU G 159 19.00 -12.32 -14.24
N VAL G 160 19.46 -11.27 -14.90
CA VAL G 160 20.32 -11.44 -16.07
C VAL G 160 21.61 -12.15 -15.69
N GLY G 161 22.24 -11.69 -14.61
CA GLY G 161 23.48 -12.31 -14.17
C GLY G 161 23.29 -13.76 -13.75
N LEU G 162 22.19 -14.04 -13.04
CA LEU G 162 21.91 -15.41 -12.63
C LEU G 162 21.67 -16.32 -13.83
N VAL G 163 20.92 -15.83 -14.82
CA VAL G 163 20.66 -16.61 -16.03
C VAL G 163 21.96 -16.90 -16.77
N ALA G 164 22.83 -15.89 -16.91
CA ALA G 164 24.11 -16.11 -17.58
C ALA G 164 24.97 -17.10 -16.82
N MET G 165 25.01 -16.98 -15.49
CA MET G 165 25.81 -17.88 -14.67
C MET G 165 25.34 -19.32 -14.81
N LEU G 166 24.03 -19.54 -14.73
CA LEU G 166 23.50 -20.90 -14.88
C LEU G 166 23.71 -21.39 -16.30
N SER G 167 23.67 -20.49 -17.29
CA SER G 167 23.88 -20.90 -18.66
C SER G 167 25.31 -21.37 -18.89
N ASN G 168 26.28 -20.74 -18.24
CA ASN G 168 27.67 -21.19 -18.42
C ASN G 168 28.01 -22.28 -17.41
N MET G 169 28.05 -21.93 -16.12
CA MET G 169 28.06 -22.87 -15.00
C MET G 169 29.32 -23.75 -15.02
N ASP G 170 30.14 -23.62 -16.05
CA ASP G 170 31.33 -24.47 -16.19
C ASP G 170 32.58 -23.75 -16.64
N ASP G 171 32.49 -22.50 -17.10
CA ASP G 171 33.67 -21.76 -17.55
C ASP G 171 34.05 -20.73 -16.49
N PRO G 172 35.14 -20.92 -15.75
CA PRO G 172 35.57 -19.89 -14.80
C PRO G 172 35.61 -18.50 -15.40
N LYS G 173 36.10 -18.36 -16.63
CA LYS G 173 36.17 -17.08 -17.31
C LYS G 173 34.81 -16.44 -17.53
N ALA G 174 33.72 -17.22 -17.48
CA ALA G 174 32.38 -16.73 -17.77
C ALA G 174 31.55 -16.41 -16.54
N ILE G 175 31.63 -17.22 -15.49
CA ILE G 175 30.75 -17.02 -14.35
C ILE G 175 31.26 -15.97 -13.36
N GLY G 176 32.54 -15.64 -13.42
CA GLY G 176 33.07 -14.54 -12.63
C GLY G 176 32.39 -13.23 -12.95
N PRO G 177 32.33 -12.88 -14.24
CA PRO G 177 31.51 -11.72 -14.63
C PRO G 177 30.05 -11.88 -14.28
N ALA G 178 29.53 -13.11 -14.20
CA ALA G 178 28.13 -13.28 -13.83
C ALA G 178 27.87 -12.89 -12.38
N MET G 179 28.71 -13.40 -11.46
CA MET G 179 28.68 -12.92 -10.08
C MET G 179 28.86 -11.41 -10.01
N ALA G 180 29.81 -10.88 -10.77
CA ALA G 180 30.04 -9.45 -10.75
C ALA G 180 28.79 -8.68 -11.14
N VAL G 181 28.16 -9.07 -12.25
CA VAL G 181 26.97 -8.36 -12.73
C VAL G 181 25.84 -8.48 -11.73
N ALA G 182 25.57 -9.69 -11.23
CA ALA G 182 24.45 -9.86 -10.32
C ALA G 182 24.64 -9.07 -9.03
N LEU G 183 25.78 -9.27 -8.36
CA LEU G 183 26.02 -8.59 -7.09
C LEU G 183 26.09 -7.08 -7.27
N LEU G 184 26.79 -6.61 -8.29
CA LEU G 184 26.94 -5.17 -8.47
C LEU G 184 25.63 -4.51 -8.89
N THR G 185 24.81 -5.20 -9.68
CA THR G 185 23.51 -4.63 -10.03
C THR G 185 22.62 -4.52 -8.81
N THR G 186 22.57 -5.56 -7.98
CA THR G 186 21.77 -5.48 -6.77
C THR G 186 22.29 -4.39 -5.83
N LEU G 187 23.61 -4.31 -5.68
CA LEU G 187 24.20 -3.33 -4.77
C LEU G 187 24.00 -1.91 -5.27
N TYR G 188 24.17 -1.68 -6.58
CA TYR G 188 23.95 -0.36 -7.14
C TYR G 188 22.49 0.05 -7.03
N GLY G 189 21.56 -0.88 -7.28
CA GLY G 189 20.16 -0.56 -7.10
C GLY G 189 19.86 -0.15 -5.67
N ALA G 190 20.34 -0.94 -4.70
CA ALA G 190 20.10 -0.63 -3.30
C ALA G 190 20.73 0.71 -2.91
N ILE G 191 21.97 0.95 -3.33
CA ILE G 191 22.67 2.17 -2.95
C ILE G 191 22.01 3.39 -3.57
N LEU G 192 21.71 3.34 -4.87
CA LEU G 192 21.09 4.48 -5.51
C LEU G 192 19.68 4.72 -5.00
N SER G 193 19.00 3.67 -4.54
CA SER G 193 17.64 3.87 -4.04
C SER G 193 17.63 4.40 -2.61
N ASN G 194 18.58 3.99 -1.78
CA ASN G 194 18.48 4.27 -0.35
C ASN G 194 19.49 5.29 0.16
N MET G 195 20.53 5.59 -0.60
CA MET G 195 21.57 6.52 -0.17
C MET G 195 21.68 7.76 -1.04
N VAL G 196 21.06 7.77 -2.22
CA VAL G 196 21.23 8.88 -3.15
C VAL G 196 19.89 9.53 -3.47
N PHE G 197 18.97 8.78 -4.06
CA PHE G 197 17.78 9.38 -4.63
C PHE G 197 16.69 9.65 -3.59
N PHE G 198 16.34 8.65 -2.78
CA PHE G 198 15.33 8.86 -1.75
C PHE G 198 15.75 9.91 -0.72
N PRO G 199 16.96 9.89 -0.18
CA PRO G 199 17.35 10.99 0.72
C PRO G 199 17.37 12.34 0.05
N ILE G 200 17.73 12.42 -1.24
CA ILE G 200 17.67 13.70 -1.94
C ILE G 200 16.24 14.19 -2.04
N ALA G 201 15.30 13.29 -2.34
CA ALA G 201 13.89 13.68 -2.40
C ALA G 201 13.39 14.14 -1.03
N ASP G 202 13.79 13.44 0.03
CA ASP G 202 13.38 13.84 1.37
C ASP G 202 13.96 15.20 1.75
N LYS G 203 15.22 15.44 1.39
CA LYS G 203 15.83 16.75 1.61
C LYS G 203 15.11 17.83 0.83
N LEU G 204 14.69 17.52 -0.40
CA LEU G 204 13.92 18.48 -1.19
C LEU G 204 12.58 18.79 -0.53
N SER G 205 11.92 17.78 0.01
CA SER G 205 10.66 18.02 0.71
C SER G 205 10.87 18.89 1.94
N LEU G 206 11.92 18.61 2.72
CA LEU G 206 12.20 19.41 3.91
C LEU G 206 12.53 20.85 3.52
N ARG G 207 13.29 21.04 2.44
CA ARG G 207 13.62 22.38 1.98
C ARG G 207 12.38 23.10 1.45
N ARG G 208 11.46 22.37 0.83
CA ARG G 208 10.19 22.96 0.42
C ARG G 208 9.41 23.44 1.63
N ASP G 209 9.39 22.64 2.70
CA ASP G 209 8.72 23.07 3.93
C ASP G 209 9.37 24.33 4.49
N GLN G 210 10.70 24.39 4.50
CA GLN G 210 11.38 25.58 5.02
C GLN G 210 11.08 26.81 4.18
N GLU G 211 11.12 26.67 2.85
CA GLU G 211 10.81 27.80 1.98
C GLU G 211 9.35 28.24 2.13
N THR G 212 8.43 27.28 2.26
CA THR G 212 7.03 27.64 2.46
C THR G 212 6.84 28.41 3.75
N LEU G 213 7.48 27.95 4.84
CA LEU G 213 7.36 28.66 6.11
C LEU G 213 7.95 30.07 6.01
N ASN G 214 9.13 30.20 5.39
CA ASN G 214 9.75 31.51 5.26
C ASN G 214 8.91 32.45 4.41
N ARG G 215 8.36 31.95 3.31
CA ARG G 215 7.56 32.78 2.42
C ARG G 215 6.24 33.16 3.08
N ARG G 216 5.64 32.25 3.85
CA ARG G 216 4.45 32.59 4.62
C ARG G 216 4.76 33.68 5.64
N LEU G 217 5.90 33.58 6.31
CA LEU G 217 6.29 34.61 7.27
C LEU G 217 6.45 35.96 6.57
N ILE G 218 7.11 35.98 5.41
CA ILE G 218 7.30 37.24 4.69
C ILE G 218 5.97 37.81 4.23
N MET G 219 5.06 36.96 3.74
CA MET G 219 3.75 37.42 3.32
C MET G 219 2.97 38.01 4.49
N ASP G 220 3.02 37.35 5.65
CA ASP G 220 2.33 37.87 6.83
C ASP G 220 2.92 39.20 7.26
N GLY G 221 4.25 39.33 7.19
CA GLY G 221 4.87 40.61 7.51
C GLY G 221 4.47 41.71 6.57
N VAL G 222 4.39 41.41 5.27
CA VAL G 222 3.96 42.40 4.30
C VAL G 222 2.51 42.80 4.55
N LEU G 223 1.65 41.84 4.87
CA LEU G 223 0.27 42.16 5.19
C LEU G 223 0.18 43.03 6.44
N ALA G 224 0.99 42.72 7.46
CA ALA G 224 0.98 43.52 8.68
C ALA G 224 1.45 44.96 8.42
N ILE G 225 2.52 45.12 7.64
CA ILE G 225 2.99 46.47 7.34
C ILE G 225 1.99 47.20 6.45
N GLN G 226 1.23 46.47 5.63
CA GLN G 226 0.15 47.10 4.88
C GLN G 226 -0.96 47.59 5.80
N ASP G 227 -1.30 46.79 6.82
CA ASP G 227 -2.33 47.18 7.78
C ASP G 227 -1.78 48.01 8.93
N GLY G 228 -0.46 48.20 9.00
CA GLY G 228 0.12 48.99 10.06
C GLY G 228 -0.08 48.42 11.46
N GLN G 229 0.05 47.11 11.60
CA GLN G 229 -0.12 46.49 12.91
C GLN G 229 1.06 46.81 13.82
N ASN G 230 0.84 46.65 15.12
CA ASN G 230 1.91 46.85 16.07
C ASN G 230 2.96 45.75 15.93
N PRO G 231 4.23 46.07 16.14
CA PRO G 231 5.26 45.01 16.11
C PRO G 231 5.00 43.89 17.09
N ARG G 232 4.51 44.19 18.30
CA ARG G 232 4.39 43.17 19.33
C ARG G 232 3.32 42.14 19.00
N VAL G 233 2.16 42.58 18.49
CA VAL G 233 1.09 41.64 18.19
C VAL G 233 1.51 40.68 17.09
N ILE G 234 2.14 41.18 16.03
CA ILE G 234 2.58 40.30 14.96
C ILE G 234 3.73 39.39 15.44
N ASP G 235 4.62 39.91 16.30
CA ASP G 235 5.69 39.08 16.82
C ASP G 235 5.13 37.92 17.65
N SER G 236 4.11 38.19 18.45
CA SER G 236 3.46 37.13 19.20
C SER G 236 2.72 36.17 18.27
N TYR G 237 2.13 36.69 17.19
CA TYR G 237 1.40 35.84 16.27
C TYR G 237 2.31 34.85 15.56
N LEU G 238 3.46 35.30 15.07
CA LEU G 238 4.35 34.39 14.36
C LEU G 238 5.01 33.36 15.26
N LYS G 239 4.88 33.50 16.59
CA LYS G 239 5.45 32.51 17.49
C LYS G 239 4.82 31.14 17.29
N ASN G 240 3.50 31.08 17.14
CA ASN G 240 2.86 29.80 16.88
C ASN G 240 3.16 29.28 15.48
N TYR G 241 3.42 30.20 14.53
CA TYR G 241 3.89 29.78 13.21
C TYR G 241 5.26 29.12 13.30
N LEU G 242 6.12 29.60 14.19
CA LEU G 242 7.47 29.06 14.29
C LEU G 242 7.46 27.59 14.69
N ASN G 243 6.61 27.22 15.63
CA ASN G 243 6.55 25.85 16.12
C ASN G 243 5.47 25.05 15.38
N GLU G 244 5.64 24.95 14.07
CA GLU G 244 4.68 24.31 13.19
C GLU G 244 5.23 22.98 12.70
N GLY G 245 4.72 21.88 13.25
CA GLY G 245 5.04 20.58 12.71
C GLY G 245 6.40 20.09 13.16
N LYS G 246 7.34 20.05 12.21
CA LYS G 246 8.67 19.52 12.48
C LYS G 246 9.32 20.26 13.66
N ARG G 247 9.34 21.59 13.59
CA ARG G 247 9.96 22.39 14.65
C ARG G 247 9.29 22.21 15.99
N ALA G 248 8.22 21.43 16.07
CA ALA G 248 7.60 21.12 17.36
C ALA G 248 8.43 20.14 18.17
N LEU G 249 9.48 19.54 17.58
CA LEU G 249 10.30 18.61 18.34
C LEU G 249 11.48 19.28 19.03
N GLU G 250 11.95 20.41 18.50
CA GLU G 250 13.10 21.07 19.11
C GLU G 250 12.77 21.58 20.52
N ILE G 251 11.58 22.13 20.71
CA ILE G 251 11.16 22.62 22.01
C ILE G 251 10.89 21.45 22.95
#